data_6VVH
#
_entry.id   6VVH
#
_cell.length_a   95.044
_cell.length_b   97.626
_cell.length_c   176.543
_cell.angle_alpha   90.000
_cell.angle_beta   90.000
_cell.angle_gamma   90.000
#
_symmetry.space_group_name_H-M   'P 21 21 21'
#
loop_
_entity.id
_entity.type
_entity.pdbx_description
1 polymer '4-hydroxy-tetrahydrodipicolinate synthase 1, chloroplastic'
2 non-polymer LYSINE
3 non-polymer 'SODIUM ION'
4 non-polymer GLYCEROL
5 non-polymer '4-(2-HYDROXYETHYL)-1-PIPERAZINE ETHANESULFONIC ACID'
6 water water
#
_entity_poly.entity_id   1
_entity_poly.type   'polypeptide(L)'
_entity_poly.pdbx_seq_one_letter_code
;GPGSMRSLEDKNRTNTDDIRSLRVITAIKTPYLPDGRFDLQAYDDLVNTQIENGAEGVIVGGTTGEGQLMSWDEHIMLIG
HTVNCFGGRIKVIGNTGSNSTREAIHATEQGFAMGMHGALHINPYYGKTSIEGMNAHFQTVLHMGPTIIYNVPGRTCQDI
PPQVIFKLSQNPNMAGVKECVGNNRVEEYTEKGIVVWSGNDDQCHDSRWDHGATGVISVTSNLVPGLMRKLMFEGRNSAL
NAKLLPLMDWLFQEPNPIGVNTALAQLGVARPVFRLPYVPLPLSKRIEFVKLVKEIGREHFVGDRDVQVLDDDDFILIGR
Y
;
_entity_poly.pdbx_strand_id   AAA,BBB,CCC,DDD
#
loop_
_chem_comp.id
_chem_comp.type
_chem_comp.name
_chem_comp.formula
EPE non-polymer '4-(2-HYDROXYETHYL)-1-PIPERAZINE ETHANESULFONIC ACID' 'C8 H18 N2 O4 S'
GOL non-polymer GLYCEROL 'C3 H8 O3'
NA non-polymer 'SODIUM ION' 'Na 1'
#
# COMPACT_ATOMS: atom_id res chain seq x y z
N THR A 14 23.44 -23.60 -11.55
CA THR A 14 22.55 -24.79 -11.67
C THR A 14 21.09 -24.39 -11.42
N ASN A 15 20.88 -23.31 -10.66
CA ASN A 15 19.58 -22.58 -10.62
C ASN A 15 19.36 -21.97 -12.01
N THR A 16 20.37 -21.21 -12.47
CA THR A 16 20.40 -20.45 -13.75
C THR A 16 20.40 -21.42 -14.95
N ASP A 17 21.04 -22.58 -14.85
CA ASP A 17 21.12 -23.59 -15.94
C ASP A 17 19.77 -24.28 -16.14
N ASP A 18 18.99 -24.47 -15.07
CA ASP A 18 17.62 -25.04 -15.10
C ASP A 18 16.72 -24.12 -15.95
N ILE A 19 16.81 -22.80 -15.71
CA ILE A 19 16.07 -21.76 -16.50
C ILE A 19 16.53 -21.83 -17.96
N ARG A 20 17.84 -21.88 -18.21
CA ARG A 20 18.46 -21.78 -19.56
C ARG A 20 18.01 -22.95 -20.47
N SER A 21 17.59 -24.08 -19.92
CA SER A 21 17.20 -25.31 -20.69
C SER A 21 15.73 -25.27 -21.15
N LEU A 22 14.90 -24.40 -20.57
CA LEU A 22 13.43 -24.36 -20.85
C LEU A 22 13.21 -23.88 -22.28
N ARG A 23 12.38 -24.58 -23.05
CA ARG A 23 12.03 -24.22 -24.44
C ARG A 23 10.60 -23.66 -24.53
N VAL A 24 9.69 -24.09 -23.67
CA VAL A 24 8.29 -23.56 -23.65
C VAL A 24 8.04 -22.94 -22.29
N ILE A 25 7.97 -21.61 -22.26
CA ILE A 25 7.59 -20.85 -21.05
C ILE A 25 6.29 -20.13 -21.41
N THR A 26 5.22 -20.39 -20.66
CA THR A 26 3.93 -19.75 -20.91
C THR A 26 3.83 -18.46 -20.12
N ALA A 27 3.55 -17.36 -20.81
CA ALA A 27 3.11 -16.10 -20.18
C ALA A 27 1.65 -16.29 -19.78
N ILE A 28 1.40 -16.84 -18.60
CA ILE A 28 0.04 -17.33 -18.20
C ILE A 28 -0.91 -16.15 -18.03
N LYS A 29 -2.10 -16.27 -18.61
CA LYS A 29 -3.23 -15.32 -18.43
C LYS A 29 -3.69 -15.38 -16.97
N THR A 30 -3.99 -14.24 -16.37
CA THR A 30 -4.60 -14.15 -15.01
C THR A 30 -6.12 -13.99 -15.15
N PRO A 31 -6.92 -15.00 -14.74
CA PRO A 31 -8.38 -14.94 -14.86
C PRO A 31 -9.01 -14.31 -13.62
N TYR A 32 -10.21 -13.75 -13.78
CA TYR A 32 -10.85 -12.88 -12.78
C TYR A 32 -12.25 -13.39 -12.46
N LEU A 33 -12.67 -13.16 -11.22
CA LEU A 33 -14.08 -13.25 -10.77
C LEU A 33 -14.80 -11.98 -11.21
N PRO A 34 -16.15 -11.97 -11.24
CA PRO A 34 -16.90 -10.82 -11.78
C PRO A 34 -16.69 -9.50 -11.05
N ASP A 35 -16.17 -9.50 -9.82
CA ASP A 35 -15.83 -8.26 -9.07
C ASP A 35 -14.39 -7.83 -9.35
N GLY A 36 -13.67 -8.53 -10.24
CA GLY A 36 -12.31 -8.13 -10.66
C GLY A 36 -11.21 -8.76 -9.82
N ARG A 37 -11.56 -9.47 -8.73
CA ARG A 37 -10.54 -10.20 -7.92
C ARG A 37 -10.02 -11.38 -8.76
N PHE A 38 -8.85 -11.89 -8.43
CA PHE A 38 -8.29 -13.09 -9.09
C PHE A 38 -9.24 -14.26 -8.85
N ASP A 39 -9.46 -15.06 -9.89
CA ASP A 39 -10.11 -16.38 -9.84
C ASP A 39 -9.02 -17.45 -9.67
N LEU A 40 -8.61 -17.74 -8.44
CA LEU A 40 -7.44 -18.64 -8.18
C LEU A 40 -7.79 -20.07 -8.62
N GLN A 41 -9.04 -20.52 -8.47
CA GLN A 41 -9.48 -21.86 -8.97
CA GLN A 41 -9.46 -21.87 -8.96
C GLN A 41 -9.22 -21.93 -10.48
N ALA A 42 -9.72 -20.95 -11.23
CA ALA A 42 -9.54 -20.92 -12.71
C ALA A 42 -8.04 -20.86 -13.02
N TYR A 43 -7.27 -20.10 -12.23
CA TYR A 43 -5.82 -19.88 -12.48
C TYR A 43 -5.11 -21.22 -12.34
N ASP A 44 -5.41 -21.93 -11.25
CA ASP A 44 -4.80 -23.25 -10.95
C ASP A 44 -5.11 -24.21 -12.11
N ASP A 45 -6.36 -24.21 -12.59
CA ASP A 45 -6.80 -25.07 -13.72
C ASP A 45 -5.98 -24.72 -14.95
N LEU A 46 -5.77 -23.43 -15.27
CA LEU A 46 -4.95 -23.03 -16.44
C LEU A 46 -3.50 -23.53 -16.28
N VAL A 47 -2.89 -23.36 -15.11
CA VAL A 47 -1.46 -23.76 -14.91
C VAL A 47 -1.38 -25.30 -15.03
N ASN A 48 -2.30 -26.03 -14.40
CA ASN A 48 -2.34 -27.52 -14.48
CA ASN A 48 -2.35 -27.52 -14.48
C ASN A 48 -2.38 -27.96 -15.94
N THR A 49 -3.27 -27.38 -16.75
CA THR A 49 -3.38 -27.70 -18.19
C THR A 49 -2.03 -27.44 -18.88
N GLN A 50 -1.34 -26.34 -18.55
CA GLN A 50 -0.01 -26.04 -19.14
C GLN A 50 0.97 -27.15 -18.79
N ILE A 51 1.02 -27.54 -17.52
CA ILE A 51 1.96 -28.61 -17.06
C ILE A 51 1.64 -29.91 -17.81
N GLU A 52 0.36 -30.28 -17.92
CA GLU A 52 -0.07 -31.56 -18.55
C GLU A 52 0.32 -31.57 -20.04
N ASN A 53 0.45 -30.41 -20.69
CA ASN A 53 0.69 -30.32 -22.15
C ASN A 53 2.13 -29.89 -22.45
N GLY A 54 3.01 -29.93 -21.44
CA GLY A 54 4.48 -29.85 -21.61
C GLY A 54 5.04 -28.43 -21.52
N ALA A 55 4.31 -27.48 -20.93
CA ALA A 55 4.89 -26.18 -20.54
C ALA A 55 5.95 -26.43 -19.45
N GLU A 56 7.14 -25.85 -19.60
CA GLU A 56 8.28 -26.14 -18.70
C GLU A 56 8.48 -25.00 -17.70
N GLY A 57 7.98 -23.81 -18.04
CA GLY A 57 8.03 -22.64 -17.17
C GLY A 57 6.78 -21.81 -17.32
N VAL A 58 6.52 -20.95 -16.33
CA VAL A 58 5.41 -19.98 -16.38
C VAL A 58 5.96 -18.62 -15.94
N ILE A 59 5.65 -17.56 -16.69
CA ILE A 59 5.85 -16.15 -16.25
C ILE A 59 4.60 -15.78 -15.48
N VAL A 60 4.76 -15.35 -14.22
CA VAL A 60 3.62 -14.91 -13.37
C VAL A 60 3.52 -13.39 -13.44
N GLY A 61 2.37 -12.88 -13.89
CA GLY A 61 2.10 -11.44 -14.01
C GLY A 61 3.01 -10.79 -15.04
N GLY A 62 3.28 -11.48 -16.14
CA GLY A 62 3.87 -10.84 -17.32
C GLY A 62 2.86 -9.91 -17.99
N THR A 63 3.23 -9.37 -19.15
CA THR A 63 2.34 -8.52 -19.98
C THR A 63 1.03 -9.30 -20.22
N THR A 64 1.13 -10.56 -20.64
CA THR A 64 -0.05 -11.41 -20.91
C THR A 64 -0.85 -11.61 -19.61
N GLY A 65 -0.15 -11.75 -18.48
CA GLY A 65 -0.75 -11.98 -17.14
C GLY A 65 -1.26 -10.70 -16.50
N GLU A 66 -1.12 -9.56 -17.18
CA GLU A 66 -1.60 -8.23 -16.70
C GLU A 66 -0.99 -7.91 -15.34
N GLY A 67 0.31 -8.21 -15.15
CA GLY A 67 1.06 -7.70 -14.00
C GLY A 67 0.92 -6.19 -13.85
N GLN A 68 0.81 -5.48 -14.98
CA GLN A 68 0.75 -4.01 -15.03
C GLN A 68 -0.53 -3.54 -14.33
N LEU A 69 -1.55 -4.39 -14.19
CA LEU A 69 -2.84 -4.03 -13.53
C LEU A 69 -2.90 -4.55 -12.10
N MET A 70 -1.83 -5.18 -11.60
CA MET A 70 -1.83 -5.75 -10.23
C MET A 70 -1.32 -4.71 -9.25
N SER A 71 -1.81 -4.75 -8.01
CA SER A 71 -1.08 -4.20 -6.83
C SER A 71 0.13 -5.09 -6.60
N TRP A 72 1.17 -4.58 -5.96
CA TRP A 72 2.32 -5.46 -5.61
C TRP A 72 1.85 -6.54 -4.63
N ASP A 73 0.94 -6.20 -3.70
CA ASP A 73 0.24 -7.15 -2.79
C ASP A 73 -0.19 -8.38 -3.58
N GLU A 74 -1.00 -8.20 -4.61
CA GLU A 74 -1.63 -9.36 -5.31
C GLU A 74 -0.60 -10.00 -6.26
N HIS A 75 0.37 -9.26 -6.80
CA HIS A 75 1.38 -9.83 -7.74
C HIS A 75 2.30 -10.79 -6.97
N ILE A 76 2.82 -10.38 -5.82
CA ILE A 76 3.74 -11.23 -5.02
C ILE A 76 2.94 -12.40 -4.43
N MET A 77 1.70 -12.17 -4.01
CA MET A 77 0.78 -13.25 -3.56
C MET A 77 0.68 -14.30 -4.67
N LEU A 78 0.43 -13.88 -5.91
CA LEU A 78 0.21 -14.84 -7.02
C LEU A 78 1.48 -15.62 -7.29
N ILE A 79 2.65 -14.99 -7.19
CA ILE A 79 3.96 -15.72 -7.32
C ILE A 79 4.06 -16.77 -6.20
N GLY A 80 3.85 -16.37 -4.95
CA GLY A 80 3.94 -17.31 -3.82
C GLY A 80 2.95 -18.45 -3.96
N HIS A 81 1.73 -18.15 -4.37
CA HIS A 81 0.65 -19.15 -4.61
C HIS A 81 1.12 -20.16 -5.68
N THR A 82 1.68 -19.66 -6.76
CA THR A 82 2.15 -20.50 -7.91
C THR A 82 3.30 -21.39 -7.44
N VAL A 83 4.26 -20.86 -6.67
CA VAL A 83 5.38 -21.67 -6.13
C VAL A 83 4.80 -22.80 -5.24
N ASN A 84 3.92 -22.46 -4.31
CA ASN A 84 3.31 -23.43 -3.35
C ASN A 84 2.64 -24.56 -4.12
N CYS A 85 1.81 -24.23 -5.11
CA CYS A 85 0.94 -25.19 -5.81
C CYS A 85 1.70 -25.96 -6.90
N PHE A 86 2.68 -25.35 -7.57
CA PHE A 86 3.22 -25.88 -8.85
C PHE A 86 4.75 -25.87 -8.90
N GLY A 87 5.44 -25.28 -7.93
CA GLY A 87 6.90 -25.06 -7.98
C GLY A 87 7.69 -26.34 -8.15
N GLY A 88 7.16 -27.48 -7.68
CA GLY A 88 7.79 -28.80 -7.87
C GLY A 88 7.57 -29.36 -9.26
N ARG A 89 6.65 -28.81 -10.06
CA ARG A 89 6.19 -29.41 -11.34
CA ARG A 89 6.22 -29.43 -11.35
C ARG A 89 6.56 -28.50 -12.53
N ILE A 90 6.93 -27.25 -12.28
CA ILE A 90 7.20 -26.23 -13.34
C ILE A 90 8.11 -25.14 -12.77
N LYS A 91 8.94 -24.51 -13.60
CA LYS A 91 9.78 -23.37 -13.16
C LYS A 91 8.90 -22.12 -13.13
N VAL A 92 8.90 -21.43 -12.00
CA VAL A 92 8.07 -20.22 -11.72
C VAL A 92 8.99 -18.99 -11.86
N ILE A 93 8.80 -18.21 -12.92
CA ILE A 93 9.53 -16.95 -13.15
C ILE A 93 8.59 -15.78 -12.82
N GLY A 94 8.90 -15.04 -11.77
CA GLY A 94 8.12 -13.86 -11.39
C GLY A 94 8.45 -12.70 -12.31
N ASN A 95 7.44 -12.01 -12.84
CA ASN A 95 7.66 -10.71 -13.54
C ASN A 95 7.75 -9.62 -12.45
N THR A 96 8.94 -9.41 -11.90
CA THR A 96 9.15 -8.49 -10.76
C THR A 96 9.84 -7.23 -11.28
N GLY A 97 9.78 -6.99 -12.58
CA GLY A 97 10.35 -5.79 -13.21
C GLY A 97 9.47 -4.58 -12.97
N SER A 98 10.06 -3.40 -13.13
CA SER A 98 9.34 -2.11 -12.96
C SER A 98 10.11 -1.00 -13.66
N ASN A 99 9.42 0.11 -13.96
CA ASN A 99 10.08 1.36 -14.39
C ASN A 99 10.70 2.05 -13.18
N SER A 100 10.36 1.63 -11.97
CA SER A 100 10.90 2.19 -10.71
C SER A 100 11.90 1.20 -10.10
N THR A 101 13.16 1.61 -9.92
CA THR A 101 14.21 0.73 -9.33
C THR A 101 13.79 0.25 -7.94
N ARG A 102 13.24 1.15 -7.11
CA ARG A 102 12.72 0.81 -5.76
CA ARG A 102 12.73 0.80 -5.76
C ARG A 102 11.71 -0.34 -5.88
N GLU A 103 10.71 -0.21 -6.75
CA GLU A 103 9.66 -1.24 -6.90
C GLU A 103 10.32 -2.55 -7.36
N ALA A 104 11.26 -2.50 -8.29
CA ALA A 104 11.91 -3.69 -8.87
C ALA A 104 12.73 -4.41 -7.77
N ILE A 105 13.44 -3.65 -6.93
CA ILE A 105 14.23 -4.22 -5.80
C ILE A 105 13.28 -4.94 -4.84
N HIS A 106 12.25 -4.25 -4.36
CA HIS A 106 11.33 -4.81 -3.34
CA HIS A 106 11.26 -4.76 -3.37
C HIS A 106 10.56 -6.00 -3.93
N ALA A 107 10.04 -5.91 -5.15
CA ALA A 107 9.28 -7.01 -5.77
C ALA A 107 10.20 -8.22 -5.97
N THR A 108 11.43 -7.99 -6.42
CA THR A 108 12.35 -9.11 -6.77
C THR A 108 12.76 -9.83 -5.48
N GLU A 109 13.11 -9.09 -4.43
CA GLU A 109 13.55 -9.76 -3.19
C GLU A 109 12.35 -10.50 -2.57
N GLN A 110 11.13 -9.95 -2.65
CA GLN A 110 9.94 -10.66 -2.12
C GLN A 110 9.64 -11.91 -2.96
N GLY A 111 9.69 -11.80 -4.28
CA GLY A 111 9.46 -12.94 -5.19
C GLY A 111 10.44 -14.09 -4.91
N PHE A 112 11.73 -13.78 -4.77
CA PHE A 112 12.76 -14.81 -4.45
C PHE A 112 12.50 -15.39 -3.05
N ALA A 113 12.05 -14.59 -2.09
CA ALA A 113 11.71 -15.05 -0.73
C ALA A 113 10.51 -16.00 -0.76
N MET A 114 9.53 -15.77 -1.66
CA MET A 114 8.35 -16.65 -1.87
C MET A 114 8.79 -17.98 -2.52
N GLY A 115 10.00 -18.04 -3.08
CA GLY A 115 10.60 -19.26 -3.64
C GLY A 115 10.57 -19.32 -5.16
N MET A 116 10.36 -18.21 -5.86
CA MET A 116 10.35 -18.24 -7.34
C MET A 116 11.74 -18.62 -7.84
N HIS A 117 11.81 -19.28 -8.99
CA HIS A 117 13.06 -19.83 -9.56
C HIS A 117 13.86 -18.76 -10.31
N GLY A 118 13.19 -17.73 -10.83
CA GLY A 118 13.85 -16.65 -11.57
C GLY A 118 12.99 -15.43 -11.69
N ALA A 119 13.56 -14.35 -12.19
CA ALA A 119 12.88 -13.04 -12.38
C ALA A 119 12.94 -12.66 -13.85
N LEU A 120 11.88 -12.04 -14.35
CA LEU A 120 11.87 -11.34 -15.66
C LEU A 120 12.02 -9.84 -15.41
N HIS A 121 13.00 -9.19 -16.03
CA HIS A 121 13.29 -7.74 -15.82
C HIS A 121 13.30 -6.99 -17.15
N ILE A 122 12.30 -6.14 -17.34
CA ILE A 122 12.21 -5.15 -18.44
C ILE A 122 13.08 -3.94 -18.10
N ASN A 123 13.52 -3.21 -19.13
CA ASN A 123 14.13 -1.87 -18.97
C ASN A 123 13.02 -0.88 -18.60
N PRO A 124 13.33 0.21 -17.87
CA PRO A 124 12.29 1.17 -17.47
C PRO A 124 11.51 1.75 -18.66
N TYR A 125 10.19 1.59 -18.61
CA TYR A 125 9.17 2.04 -19.61
C TYR A 125 8.54 3.34 -19.11
N TYR A 126 8.12 4.20 -20.04
CA TYR A 126 7.43 5.49 -19.81
C TYR A 126 8.46 6.47 -19.25
N GLY A 127 8.98 6.21 -18.06
CA GLY A 127 10.09 6.99 -17.47
C GLY A 127 11.41 6.42 -17.96
N LYS A 128 11.67 6.50 -19.26
CA LYS A 128 12.88 5.87 -19.83
C LYS A 128 14.13 6.62 -19.36
N THR A 129 15.27 5.95 -19.35
CA THR A 129 16.52 6.48 -18.76
C THR A 129 17.67 6.32 -19.77
N SER A 130 18.83 6.83 -19.40
CA SER A 130 20.10 6.71 -20.13
C SER A 130 20.59 5.26 -20.08
N ILE A 131 21.53 4.91 -20.94
CA ILE A 131 22.24 3.59 -20.87
C ILE A 131 22.85 3.42 -19.48
N GLU A 132 23.54 4.43 -18.95
CA GLU A 132 24.15 4.39 -17.60
C GLU A 132 23.07 4.10 -16.54
N GLY A 133 21.93 4.78 -16.61
CA GLY A 133 20.82 4.56 -15.66
C GLY A 133 20.21 3.16 -15.79
N MET A 134 20.09 2.67 -17.02
CA MET A 134 19.57 1.32 -17.31
C MET A 134 20.50 0.28 -16.67
N ASN A 135 21.80 0.44 -16.87
CA ASN A 135 22.83 -0.44 -16.25
C ASN A 135 22.67 -0.40 -14.73
N ALA A 136 22.56 0.79 -14.13
CA ALA A 136 22.41 0.98 -12.67
C ALA A 136 21.15 0.23 -12.17
N HIS A 137 20.05 0.33 -12.92
CA HIS A 137 18.75 -0.33 -12.60
C HIS A 137 18.94 -1.84 -12.54
N PHE A 138 19.44 -2.46 -13.60
CA PHE A 138 19.60 -3.94 -13.68
C PHE A 138 20.56 -4.42 -12.58
N GLN A 139 21.58 -3.62 -12.23
CA GLN A 139 22.61 -4.06 -11.24
C GLN A 139 21.97 -4.19 -9.85
N THR A 140 20.91 -3.45 -9.55
CA THR A 140 20.25 -3.54 -8.22
C THR A 140 19.55 -4.88 -8.06
N VAL A 141 19.18 -5.58 -9.15
CA VAL A 141 18.36 -6.81 -9.08
C VAL A 141 19.13 -8.04 -9.59
N LEU A 142 20.16 -7.86 -10.40
CA LEU A 142 20.90 -9.01 -10.99
C LEU A 142 21.53 -9.89 -9.90
N HIS A 143 21.93 -9.33 -8.76
CA HIS A 143 22.61 -10.10 -7.70
C HIS A 143 21.62 -11.00 -6.95
N MET A 144 20.30 -10.80 -7.09
CA MET A 144 19.28 -11.51 -6.27
C MET A 144 18.97 -12.92 -6.78
N GLY A 145 19.22 -13.23 -8.05
CA GLY A 145 18.99 -14.57 -8.56
C GLY A 145 18.92 -14.62 -10.08
N PRO A 146 18.59 -15.79 -10.66
CA PRO A 146 18.50 -15.96 -12.12
C PRO A 146 17.54 -14.93 -12.72
N THR A 147 18.01 -14.20 -13.71
CA THR A 147 17.28 -13.06 -14.32
C THR A 147 17.19 -13.26 -15.84
N ILE A 148 15.99 -13.15 -16.40
CA ILE A 148 15.76 -13.01 -17.87
C ILE A 148 15.56 -11.51 -18.16
N ILE A 149 16.39 -10.94 -19.01
CA ILE A 149 16.29 -9.53 -19.45
C ILE A 149 15.25 -9.46 -20.57
N TYR A 150 14.30 -8.55 -20.45
CA TYR A 150 13.13 -8.43 -21.36
C TYR A 150 13.29 -7.19 -22.25
N ASN A 151 13.52 -7.40 -23.55
CA ASN A 151 13.61 -6.30 -24.54
C ASN A 151 12.35 -6.33 -25.42
N VAL A 152 11.52 -5.30 -25.30
CA VAL A 152 10.24 -5.15 -26.06
C VAL A 152 10.05 -3.66 -26.36
N PRO A 153 10.85 -3.14 -27.29
CA PRO A 153 10.84 -1.72 -27.65
C PRO A 153 9.48 -1.22 -28.17
N GLY A 154 8.66 -2.12 -28.73
CA GLY A 154 7.26 -1.82 -29.12
C GLY A 154 6.41 -1.36 -27.95
N ARG A 155 6.79 -1.70 -26.71
CA ARG A 155 6.01 -1.36 -25.49
CA ARG A 155 6.02 -1.37 -25.49
C ARG A 155 6.80 -0.36 -24.64
N THR A 156 8.12 -0.50 -24.54
CA THR A 156 8.94 0.39 -23.67
C THR A 156 9.28 1.69 -24.42
N CYS A 157 9.26 1.64 -25.75
CA CYS A 157 9.77 2.71 -26.64
C CYS A 157 11.24 2.96 -26.35
N GLN A 158 11.97 1.95 -25.85
CA GLN A 158 13.45 2.03 -25.76
C GLN A 158 14.08 0.66 -25.98
N ASP A 159 14.81 0.53 -27.08
CA ASP A 159 15.57 -0.69 -27.42
C ASP A 159 16.70 -0.85 -26.40
N ILE A 160 16.82 -2.02 -25.78
CA ILE A 160 18.07 -2.36 -25.03
C ILE A 160 19.09 -2.73 -26.09
N PRO A 161 20.13 -1.89 -26.31
CA PRO A 161 21.09 -2.14 -27.38
C PRO A 161 21.98 -3.35 -27.10
N PRO A 162 22.46 -4.04 -28.16
CA PRO A 162 23.39 -5.16 -27.99
C PRO A 162 24.53 -4.90 -27.00
N GLN A 163 25.13 -3.70 -27.02
CA GLN A 163 26.23 -3.28 -26.10
C GLN A 163 25.84 -3.62 -24.66
N VAL A 164 24.62 -3.26 -24.25
CA VAL A 164 24.11 -3.47 -22.87
C VAL A 164 23.95 -4.99 -22.63
N ILE A 165 23.31 -5.72 -23.55
CA ILE A 165 23.05 -7.17 -23.35
C ILE A 165 24.39 -7.92 -23.24
N PHE A 166 25.37 -7.60 -24.08
CA PHE A 166 26.70 -8.28 -24.05
C PHE A 166 27.37 -8.07 -22.69
N LYS A 167 27.35 -6.85 -22.18
CA LYS A 167 27.92 -6.47 -20.85
C LYS A 167 27.14 -7.19 -19.73
N LEU A 168 25.80 -7.16 -19.75
CA LEU A 168 24.98 -7.85 -18.72
C LEU A 168 25.26 -9.36 -18.77
N SER A 169 25.49 -9.93 -19.96
CA SER A 169 25.59 -11.39 -20.17
C SER A 169 26.85 -11.96 -19.46
N GLN A 170 27.82 -11.12 -19.11
CA GLN A 170 29.02 -11.54 -18.34
C GLN A 170 28.64 -11.88 -16.90
N ASN A 171 27.50 -11.37 -16.41
CA ASN A 171 26.98 -11.66 -15.06
C ASN A 171 26.39 -13.07 -15.05
N PRO A 172 26.95 -14.01 -14.26
CA PRO A 172 26.42 -15.38 -14.25
C PRO A 172 24.95 -15.51 -13.84
N ASN A 173 24.35 -14.49 -13.21
CA ASN A 173 22.90 -14.49 -12.85
C ASN A 173 22.04 -14.08 -14.06
N MET A 174 22.64 -13.57 -15.14
CA MET A 174 21.88 -13.24 -16.38
CA MET A 174 21.92 -13.24 -16.40
C MET A 174 21.64 -14.55 -17.16
N ALA A 175 20.44 -15.11 -17.01
CA ALA A 175 20.05 -16.39 -17.63
C ALA A 175 20.06 -16.24 -19.16
N GLY A 176 19.50 -15.14 -19.66
CA GLY A 176 19.33 -14.89 -21.10
C GLY A 176 18.37 -13.74 -21.34
N VAL A 177 17.86 -13.64 -22.57
CA VAL A 177 17.05 -12.49 -23.05
C VAL A 177 15.72 -13.02 -23.59
N LYS A 178 14.62 -12.39 -23.19
CA LYS A 178 13.32 -12.45 -23.91
C LYS A 178 13.37 -11.32 -24.95
N GLU A 179 13.57 -11.67 -26.23
CA GLU A 179 13.86 -10.69 -27.31
C GLU A 179 12.65 -10.62 -28.24
N CYS A 180 12.16 -9.40 -28.47
CA CYS A 180 10.98 -9.12 -29.33
C CYS A 180 11.36 -8.28 -30.57
N VAL A 181 12.63 -7.88 -30.75
CA VAL A 181 13.06 -7.04 -31.92
C VAL A 181 12.89 -7.87 -33.21
N GLY A 182 13.19 -9.16 -33.18
CA GLY A 182 13.06 -10.03 -34.36
C GLY A 182 14.24 -10.97 -34.53
N ASN A 183 14.21 -11.80 -35.57
CA ASN A 183 15.11 -12.99 -35.65
C ASN A 183 16.56 -12.55 -35.94
N ASN A 184 16.80 -11.39 -36.56
CA ASN A 184 18.17 -10.87 -36.78
C ASN A 184 18.81 -10.53 -35.44
N ARG A 185 18.03 -9.94 -34.53
CA ARG A 185 18.53 -9.61 -33.17
C ARG A 185 18.78 -10.90 -32.40
N VAL A 186 17.87 -11.86 -32.47
CA VAL A 186 17.99 -13.17 -31.77
C VAL A 186 19.32 -13.81 -32.20
N GLU A 187 19.58 -13.86 -33.51
CA GLU A 187 20.79 -14.47 -34.09
C GLU A 187 22.04 -13.71 -33.64
N GLU A 188 21.99 -12.38 -33.52
CA GLU A 188 23.15 -11.58 -33.08
C GLU A 188 23.59 -12.08 -31.70
N TYR A 189 22.63 -12.45 -30.84
CA TYR A 189 22.89 -12.90 -29.45
C TYR A 189 23.30 -14.38 -29.42
N THR A 190 22.53 -15.26 -30.07
CA THR A 190 22.75 -16.73 -29.98
C THR A 190 24.13 -17.07 -30.57
N GLU A 191 24.57 -16.37 -31.63
CA GLU A 191 25.88 -16.67 -32.27
C GLU A 191 27.00 -16.29 -31.30
N LYS A 192 26.71 -15.43 -30.31
CA LYS A 192 27.69 -14.95 -29.29
C LYS A 192 27.42 -15.68 -27.96
N GLY A 193 26.66 -16.78 -27.99
CA GLY A 193 26.53 -17.72 -26.87
C GLY A 193 25.52 -17.28 -25.81
N ILE A 194 24.75 -16.24 -26.08
CA ILE A 194 23.69 -15.75 -25.15
C ILE A 194 22.40 -16.52 -25.43
N VAL A 195 21.77 -17.02 -24.37
CA VAL A 195 20.51 -17.80 -24.45
C VAL A 195 19.36 -16.84 -24.74
N VAL A 196 18.55 -17.14 -25.76
CA VAL A 196 17.45 -16.23 -26.21
C VAL A 196 16.16 -17.04 -26.30
N TRP A 197 15.10 -16.50 -25.70
CA TRP A 197 13.71 -16.91 -25.95
C TRP A 197 13.08 -15.86 -26.86
N SER A 198 12.46 -16.28 -27.96
CA SER A 198 11.64 -15.37 -28.79
C SER A 198 10.45 -14.92 -27.96
N GLY A 199 10.14 -13.63 -27.98
CA GLY A 199 8.91 -13.08 -27.39
C GLY A 199 7.81 -12.91 -28.43
N ASN A 200 8.03 -13.39 -29.67
CA ASN A 200 7.08 -13.20 -30.81
C ASN A 200 6.64 -14.58 -31.32
N ASP A 201 5.44 -15.01 -30.94
CA ASP A 201 4.87 -16.32 -31.32
C ASP A 201 4.97 -16.56 -32.83
N ASP A 202 4.73 -15.54 -33.66
CA ASP A 202 4.70 -15.70 -35.16
C ASP A 202 6.13 -15.77 -35.72
N GLN A 203 7.16 -15.61 -34.89
CA GLN A 203 8.58 -15.73 -35.31
C GLN A 203 9.28 -16.90 -34.61
N CYS A 204 8.67 -17.54 -33.60
CA CYS A 204 9.43 -18.40 -32.66
C CYS A 204 9.87 -19.70 -33.34
N HIS A 205 9.06 -20.23 -34.26
CA HIS A 205 9.42 -21.45 -35.04
C HIS A 205 10.76 -21.22 -35.75
N ASP A 206 10.81 -20.21 -36.62
CA ASP A 206 12.04 -19.83 -37.37
C ASP A 206 13.16 -19.47 -36.36
N SER A 207 12.84 -18.77 -35.28
CA SER A 207 13.83 -18.37 -34.25
C SER A 207 14.54 -19.62 -33.71
N ARG A 208 13.73 -20.61 -33.31
CA ARG A 208 14.17 -21.88 -32.69
C ARG A 208 15.02 -22.69 -33.69
N TRP A 209 14.60 -22.80 -34.95
CA TRP A 209 15.18 -23.81 -35.90
C TRP A 209 16.22 -23.18 -36.83
N ASP A 210 16.18 -21.87 -37.06
CA ASP A 210 17.09 -21.18 -38.02
C ASP A 210 18.03 -20.21 -37.32
N HIS A 211 17.74 -19.73 -36.11
CA HIS A 211 18.45 -18.57 -35.52
C HIS A 211 18.97 -18.85 -34.10
N GLY A 212 18.92 -20.10 -33.63
CA GLY A 212 19.60 -20.53 -32.40
C GLY A 212 18.84 -20.18 -31.11
N ALA A 213 17.58 -19.73 -31.20
CA ALA A 213 16.73 -19.48 -30.01
C ALA A 213 16.58 -20.81 -29.25
N THR A 214 16.65 -20.76 -27.93
CA THR A 214 16.41 -21.93 -27.06
C THR A 214 14.91 -22.28 -27.13
N GLY A 215 14.06 -21.28 -27.27
CA GLY A 215 12.60 -21.52 -27.33
C GLY A 215 11.82 -20.24 -27.33
N VAL A 216 10.67 -20.26 -26.66
CA VAL A 216 9.66 -19.18 -26.74
C VAL A 216 9.15 -18.88 -25.33
N ILE A 217 8.94 -17.60 -25.05
CA ILE A 217 8.05 -17.15 -23.96
C ILE A 217 6.75 -16.71 -24.64
N SER A 218 5.71 -17.54 -24.50
CA SER A 218 4.57 -17.66 -25.46
C SER A 218 3.29 -17.11 -24.86
N VAL A 219 2.51 -16.43 -25.70
CA VAL A 219 1.08 -16.07 -25.45
C VAL A 219 0.21 -17.23 -25.94
N THR A 220 0.47 -17.68 -27.17
CA THR A 220 -0.35 -18.67 -27.91
C THR A 220 -0.44 -19.99 -27.12
N SER A 221 0.59 -20.35 -26.33
CA SER A 221 0.58 -21.60 -25.53
C SER A 221 -0.57 -21.58 -24.52
N ASN A 222 -1.10 -20.39 -24.18
CA ASN A 222 -2.32 -20.27 -23.33
C ASN A 222 -3.51 -20.98 -24.00
N LEU A 223 -3.54 -21.03 -25.34
CA LEU A 223 -4.66 -21.59 -26.13
C LEU A 223 -4.35 -23.02 -26.60
N VAL A 224 -3.15 -23.23 -27.18
CA VAL A 224 -2.74 -24.52 -27.80
C VAL A 224 -1.38 -24.96 -27.26
N PRO A 225 -1.27 -25.28 -25.95
CA PRO A 225 0.01 -25.64 -25.35
C PRO A 225 0.71 -26.84 -26.01
N GLY A 226 -0.07 -27.87 -26.37
CA GLY A 226 0.46 -29.08 -27.03
C GLY A 226 1.12 -28.79 -28.36
N LEU A 227 0.47 -27.96 -29.18
CA LEU A 227 0.98 -27.57 -30.52
C LEU A 227 2.23 -26.70 -30.35
N MET A 228 2.28 -25.82 -29.34
CA MET A 228 3.48 -24.97 -29.12
C MET A 228 4.63 -25.84 -28.62
N ARG A 229 4.38 -26.85 -27.79
CA ARG A 229 5.48 -27.77 -27.36
CA ARG A 229 5.45 -27.81 -27.35
C ARG A 229 6.01 -28.49 -28.60
N LYS A 230 5.11 -28.99 -29.44
CA LYS A 230 5.48 -29.70 -30.69
C LYS A 230 6.36 -28.79 -31.54
N LEU A 231 5.97 -27.52 -31.70
CA LEU A 231 6.71 -26.52 -32.52
C LEU A 231 8.12 -26.34 -31.96
N MET A 232 8.34 -26.43 -30.64
CA MET A 232 9.67 -26.15 -30.05
C MET A 232 10.54 -27.42 -29.95
N PHE A 233 9.97 -28.64 -29.98
CA PHE A 233 10.73 -29.88 -29.62
C PHE A 233 10.88 -30.89 -30.78
N GLU A 234 9.86 -31.07 -31.62
CA GLU A 234 9.75 -32.24 -32.55
C GLU A 234 10.38 -31.92 -33.90
N GLY A 235 11.16 -30.85 -34.01
CA GLY A 235 11.92 -30.51 -35.22
C GLY A 235 11.20 -29.47 -36.07
N ARG A 236 11.90 -28.98 -37.09
CA ARG A 236 11.38 -27.97 -38.05
CA ARG A 236 11.36 -27.96 -38.03
C ARG A 236 10.07 -28.51 -38.65
N ASN A 237 9.05 -27.67 -38.76
CA ASN A 237 7.71 -28.08 -39.26
C ASN A 237 6.99 -26.82 -39.76
N SER A 238 7.31 -26.38 -40.97
CA SER A 238 6.80 -25.13 -41.57
C SER A 238 5.28 -25.25 -41.82
N ALA A 239 4.76 -26.47 -41.99
CA ALA A 239 3.32 -26.75 -42.19
C ALA A 239 2.55 -26.50 -40.88
N LEU A 240 3.02 -27.03 -39.75
CA LEU A 240 2.37 -26.76 -38.43
C LEU A 240 2.42 -25.25 -38.15
N ASN A 241 3.54 -24.62 -38.47
CA ASN A 241 3.77 -23.17 -38.23
C ASN A 241 2.79 -22.35 -39.09
N ALA A 242 2.63 -22.70 -40.37
CA ALA A 242 1.64 -22.06 -41.26
C ALA A 242 0.21 -22.31 -40.73
N LYS A 243 -0.04 -23.48 -40.17
CA LYS A 243 -1.38 -23.86 -39.64
C LYS A 243 -1.75 -22.94 -38.46
N LEU A 244 -0.76 -22.53 -37.64
CA LEU A 244 -0.97 -21.67 -36.44
C LEU A 244 -1.03 -20.18 -36.80
N LEU A 245 -0.59 -19.75 -37.98
CA LEU A 245 -0.40 -18.30 -38.29
C LEU A 245 -1.73 -17.55 -38.23
N PRO A 246 -2.85 -18.05 -38.80
CA PRO A 246 -4.14 -17.37 -38.68
C PRO A 246 -4.53 -17.11 -37.21
N LEU A 247 -4.34 -18.09 -36.33
CA LEU A 247 -4.64 -17.95 -34.89
C LEU A 247 -3.72 -16.89 -34.28
N MET A 248 -2.42 -16.93 -34.58
CA MET A 248 -1.46 -15.94 -34.04
C MET A 248 -1.81 -14.53 -34.57
N ASP A 249 -2.20 -14.40 -35.84
CA ASP A 249 -2.60 -13.11 -36.44
C ASP A 249 -3.85 -12.58 -35.69
N TRP A 250 -4.82 -13.45 -35.43
CA TRP A 250 -6.07 -13.12 -34.70
C TRP A 250 -5.74 -12.61 -33.28
N LEU A 251 -4.80 -13.27 -32.59
CA LEU A 251 -4.45 -12.99 -31.17
C LEU A 251 -3.77 -11.62 -31.01
N PHE A 252 -3.16 -11.09 -32.07
CA PHE A 252 -2.36 -9.84 -31.98
C PHE A 252 -2.97 -8.71 -32.84
N GLN A 253 -4.21 -8.83 -33.31
CA GLN A 253 -4.88 -7.74 -34.08
C GLN A 253 -5.14 -6.54 -33.18
N GLU A 254 -5.39 -6.72 -31.88
CA GLU A 254 -5.31 -5.65 -30.85
C GLU A 254 -4.17 -6.00 -29.90
N PRO A 255 -3.63 -5.05 -29.10
CA PRO A 255 -2.54 -5.38 -28.18
C PRO A 255 -2.90 -6.52 -27.21
N ASN A 256 -1.98 -7.48 -27.11
CA ASN A 256 -1.93 -8.52 -26.05
C ASN A 256 -2.07 -7.79 -24.71
N PRO A 257 -2.93 -8.24 -23.77
CA PRO A 257 -3.68 -9.50 -23.86
C PRO A 257 -5.15 -9.52 -24.31
N ILE A 258 -5.56 -8.55 -25.13
CA ILE A 258 -7.00 -8.43 -25.53
C ILE A 258 -7.43 -9.71 -26.24
N GLY A 259 -6.60 -10.23 -27.15
CA GLY A 259 -6.90 -11.47 -27.90
C GLY A 259 -7.05 -12.67 -26.98
N VAL A 260 -6.02 -12.96 -26.15
CA VAL A 260 -6.03 -14.18 -25.28
C VAL A 260 -7.16 -14.07 -24.26
N ASN A 261 -7.44 -12.89 -23.70
CA ASN A 261 -8.55 -12.70 -22.74
C ASN A 261 -9.90 -13.06 -23.40
N THR A 262 -10.08 -12.61 -24.65
CA THR A 262 -11.30 -12.87 -25.43
C THR A 262 -11.39 -14.37 -25.72
N ALA A 263 -10.34 -14.94 -26.32
CA ALA A 263 -10.28 -16.39 -26.65
C ALA A 263 -10.56 -17.26 -25.42
N LEU A 264 -9.97 -16.99 -24.26
CA LEU A 264 -10.11 -17.91 -23.09
C LEU A 264 -11.54 -17.80 -22.54
N ALA A 265 -12.19 -16.64 -22.71
CA ALA A 265 -13.62 -16.46 -22.37
C ALA A 265 -14.46 -17.31 -23.34
N GLN A 266 -14.17 -17.27 -24.64
CA GLN A 266 -14.92 -18.05 -25.67
C GLN A 266 -14.75 -19.55 -25.42
N LEU A 267 -13.58 -19.99 -24.95
CA LEU A 267 -13.27 -21.43 -24.70
C LEU A 267 -13.84 -21.89 -23.36
N GLY A 268 -14.32 -20.97 -22.52
CA GLY A 268 -14.95 -21.26 -21.20
C GLY A 268 -13.95 -21.55 -20.09
N VAL A 269 -12.66 -21.24 -20.23
CA VAL A 269 -11.65 -21.57 -19.18
C VAL A 269 -11.35 -20.34 -18.30
N ALA A 270 -11.73 -19.15 -18.76
CA ALA A 270 -11.68 -17.91 -17.94
C ALA A 270 -13.05 -17.25 -18.07
N ARG A 271 -13.50 -16.55 -17.03
CA ARG A 271 -14.75 -15.76 -17.11
CA ARG A 271 -14.74 -15.76 -17.12
C ARG A 271 -14.52 -14.57 -18.06
N PRO A 272 -15.60 -14.09 -18.74
CA PRO A 272 -15.50 -12.92 -19.63
C PRO A 272 -15.45 -11.62 -18.81
N VAL A 273 -14.46 -11.54 -17.93
CA VAL A 273 -14.24 -10.39 -17.01
C VAL A 273 -12.90 -9.78 -17.40
N PHE A 274 -12.91 -8.49 -17.73
CA PHE A 274 -11.73 -7.68 -18.13
C PHE A 274 -11.49 -6.62 -17.06
N ARG A 275 -10.26 -6.54 -16.58
CA ARG A 275 -9.77 -5.35 -15.84
C ARG A 275 -9.45 -4.28 -16.88
N LEU A 276 -10.02 -3.09 -16.72
CA LEU A 276 -9.70 -1.94 -17.60
C LEU A 276 -8.22 -1.63 -17.44
N PRO A 277 -7.50 -1.18 -18.49
CA PRO A 277 -8.09 -0.63 -19.71
C PRO A 277 -8.30 -1.58 -20.90
N TYR A 278 -8.31 -2.88 -20.65
CA TYR A 278 -8.55 -3.89 -21.71
C TYR A 278 -10.06 -4.08 -21.86
N VAL A 279 -10.50 -4.26 -23.10
CA VAL A 279 -11.90 -4.60 -23.48
C VAL A 279 -11.79 -5.66 -24.57
N PRO A 280 -12.81 -6.54 -24.70
CA PRO A 280 -12.72 -7.66 -25.63
C PRO A 280 -12.73 -7.24 -27.10
N LEU A 281 -12.27 -8.15 -27.95
CA LEU A 281 -12.47 -8.03 -29.42
C LEU A 281 -13.97 -8.03 -29.71
N PRO A 282 -14.38 -7.31 -30.78
CA PRO A 282 -15.81 -7.21 -31.12
C PRO A 282 -16.38 -8.51 -31.71
N LEU A 283 -17.71 -8.54 -31.81
CA LEU A 283 -18.53 -9.71 -32.24
C LEU A 283 -17.94 -10.34 -33.50
N SER A 284 -17.64 -9.55 -34.54
CA SER A 284 -17.14 -10.07 -35.84
C SER A 284 -15.87 -10.91 -35.61
N LYS A 285 -14.99 -10.47 -34.72
CA LYS A 285 -13.72 -11.19 -34.43
C LYS A 285 -14.02 -12.45 -33.61
N ARG A 286 -14.99 -12.41 -32.69
CA ARG A 286 -15.35 -13.61 -31.88
C ARG A 286 -15.93 -14.67 -32.83
N ILE A 287 -16.70 -14.25 -33.85
CA ILE A 287 -17.26 -15.19 -34.87
C ILE A 287 -16.08 -15.83 -35.62
N GLU A 288 -15.07 -15.05 -36.02
CA GLU A 288 -13.86 -15.57 -36.72
C GLU A 288 -13.12 -16.57 -35.83
N PHE A 289 -13.10 -16.36 -34.51
CA PHE A 289 -12.39 -17.26 -33.55
C PHE A 289 -13.02 -18.65 -33.58
N VAL A 290 -14.35 -18.71 -33.58
CA VAL A 290 -15.10 -19.99 -33.67
C VAL A 290 -14.64 -20.74 -34.92
N LYS A 291 -14.46 -20.05 -36.06
CA LYS A 291 -14.02 -20.64 -37.35
CA LYS A 291 -14.03 -20.68 -37.34
C LYS A 291 -12.56 -21.11 -37.24
N LEU A 292 -11.70 -20.31 -36.60
CA LEU A 292 -10.28 -20.69 -36.42
C LEU A 292 -10.16 -21.96 -35.58
N VAL A 293 -10.99 -22.09 -34.55
CA VAL A 293 -10.97 -23.26 -33.63
C VAL A 293 -11.36 -24.51 -34.44
N LYS A 294 -12.42 -24.41 -35.25
CA LYS A 294 -12.95 -25.54 -36.06
C LYS A 294 -11.89 -25.97 -37.07
N GLU A 295 -11.24 -25.02 -37.74
CA GLU A 295 -10.18 -25.28 -38.75
C GLU A 295 -9.01 -26.01 -38.07
N ILE A 296 -8.51 -25.54 -36.92
CA ILE A 296 -7.36 -26.22 -36.22
C ILE A 296 -7.87 -27.51 -35.57
N GLY A 297 -9.06 -27.50 -34.97
CA GLY A 297 -9.61 -28.61 -34.18
C GLY A 297 -9.69 -28.25 -32.72
N ARG A 298 -10.89 -28.34 -32.14
CA ARG A 298 -11.22 -27.93 -30.75
C ARG A 298 -10.38 -28.76 -29.76
N GLU A 299 -10.04 -30.00 -30.12
CA GLU A 299 -9.30 -30.93 -29.22
C GLU A 299 -7.92 -30.33 -28.86
N HIS A 300 -7.36 -29.45 -29.69
CA HIS A 300 -6.02 -28.85 -29.50
C HIS A 300 -6.07 -27.64 -28.55
N PHE A 301 -7.24 -27.06 -28.32
CA PHE A 301 -7.42 -25.85 -27.46
C PHE A 301 -7.75 -26.28 -26.04
N VAL A 302 -7.31 -25.46 -25.08
CA VAL A 302 -7.58 -25.67 -23.64
C VAL A 302 -9.10 -25.77 -23.41
N GLY A 303 -9.49 -26.52 -22.38
CA GLY A 303 -10.88 -26.67 -21.93
C GLY A 303 -11.61 -27.79 -22.65
N ASP A 304 -12.81 -28.12 -22.15
CA ASP A 304 -13.72 -29.17 -22.68
C ASP A 304 -15.01 -28.55 -23.22
N ARG A 305 -15.34 -27.30 -22.86
CA ARG A 305 -16.59 -26.66 -23.32
C ARG A 305 -16.53 -26.38 -24.83
N ASP A 306 -17.66 -26.56 -25.52
CA ASP A 306 -17.85 -26.06 -26.90
C ASP A 306 -17.51 -24.56 -26.90
N VAL A 307 -16.84 -24.09 -27.94
CA VAL A 307 -16.47 -22.65 -28.07
C VAL A 307 -17.76 -21.85 -28.29
N GLN A 308 -17.97 -20.78 -27.50
CA GLN A 308 -19.13 -19.85 -27.61
C GLN A 308 -18.65 -18.51 -28.20
N VAL A 309 -19.47 -17.85 -29.01
CA VAL A 309 -19.20 -16.50 -29.60
C VAL A 309 -19.27 -15.46 -28.47
N LEU A 310 -20.27 -15.60 -27.61
CA LEU A 310 -20.66 -14.70 -26.50
C LEU A 310 -21.27 -13.42 -27.06
N ASP A 311 -22.19 -12.84 -26.31
CA ASP A 311 -22.80 -11.54 -26.61
C ASP A 311 -21.89 -10.44 -26.04
N ASP A 312 -21.93 -9.25 -26.64
CA ASP A 312 -21.22 -8.05 -26.10
C ASP A 312 -21.56 -7.90 -24.61
N ASP A 313 -22.81 -8.18 -24.22
CA ASP A 313 -23.31 -7.94 -22.84
C ASP A 313 -22.90 -9.08 -21.89
N ASP A 314 -22.27 -10.14 -22.38
CA ASP A 314 -21.64 -11.16 -21.50
C ASP A 314 -20.37 -10.60 -20.83
N PHE A 315 -19.71 -9.61 -21.43
CA PHE A 315 -18.38 -9.14 -20.96
C PHE A 315 -18.56 -8.10 -19.84
N ILE A 316 -17.90 -8.33 -18.71
CA ILE A 316 -17.88 -7.42 -17.54
C ILE A 316 -16.57 -6.63 -17.64
N LEU A 317 -16.67 -5.30 -17.65
CA LEU A 317 -15.48 -4.40 -17.68
C LEU A 317 -15.37 -3.78 -16.30
N ILE A 318 -14.26 -3.98 -15.58
CA ILE A 318 -14.18 -3.46 -14.18
CA ILE A 318 -14.11 -3.56 -14.15
C ILE A 318 -13.01 -2.48 -14.06
N GLY A 319 -13.33 -1.30 -13.51
CA GLY A 319 -12.34 -0.26 -13.20
C GLY A 319 -11.96 -0.31 -11.73
N ARG A 320 -12.96 -0.39 -10.84
CA ARG A 320 -12.76 -0.44 -9.36
C ARG A 320 -12.73 -1.89 -8.89
N TYR A 321 -11.54 -2.44 -8.66
CA TYR A 321 -11.37 -3.76 -8.01
C TYR A 321 -10.33 -3.57 -6.88
N GLU B 9 -22.93 21.91 -12.72
CA GLU B 9 -22.45 22.04 -14.13
C GLU B 9 -21.89 23.45 -14.37
N ASP B 10 -22.44 24.48 -13.70
CA ASP B 10 -21.98 25.89 -13.78
C ASP B 10 -20.62 26.05 -13.06
N LYS B 11 -20.41 25.36 -11.93
CA LYS B 11 -19.12 25.35 -11.17
C LYS B 11 -18.08 24.53 -11.94
N ASN B 12 -18.47 23.34 -12.41
CA ASN B 12 -17.66 22.45 -13.28
C ASN B 12 -17.13 23.23 -14.49
N ARG B 13 -17.99 24.04 -15.12
CA ARG B 13 -17.67 24.88 -16.30
C ARG B 13 -16.57 25.89 -15.95
N THR B 14 -16.76 26.67 -14.89
CA THR B 14 -15.81 27.70 -14.41
C THR B 14 -14.49 27.01 -14.04
N ASN B 15 -14.57 25.88 -13.34
CA ASN B 15 -13.38 25.10 -12.93
C ASN B 15 -12.58 24.68 -14.18
N THR B 16 -13.25 24.16 -15.21
CA THR B 16 -12.57 23.70 -16.45
C THR B 16 -11.98 24.93 -17.16
N ASP B 17 -12.73 26.02 -17.24
CA ASP B 17 -12.26 27.25 -17.94
C ASP B 17 -11.04 27.83 -17.22
N ASP B 18 -10.95 27.69 -15.91
CA ASP B 18 -9.81 28.21 -15.10
C ASP B 18 -8.54 27.43 -15.43
N ILE B 19 -8.66 26.19 -15.91
CA ILE B 19 -7.49 25.42 -16.43
C ILE B 19 -7.19 25.87 -17.88
N ARG B 20 -8.23 25.99 -18.71
CA ARG B 20 -8.07 26.34 -20.15
C ARG B 20 -7.35 27.68 -20.33
N SER B 21 -7.45 28.60 -19.36
CA SER B 21 -6.90 29.97 -19.51
C SER B 21 -5.40 30.00 -19.19
N LEU B 22 -4.84 28.93 -18.60
CA LEU B 22 -3.41 28.87 -18.17
C LEU B 22 -2.51 28.76 -19.39
N ARG B 23 -1.48 29.61 -19.49
CA ARG B 23 -0.51 29.56 -20.61
C ARG B 23 0.82 28.98 -20.16
N VAL B 24 1.21 29.22 -18.92
CA VAL B 24 2.52 28.70 -18.41
C VAL B 24 2.24 27.71 -17.29
N ILE B 25 2.44 26.42 -17.56
CA ILE B 25 2.28 25.34 -16.55
C ILE B 25 3.64 24.66 -16.41
N THR B 26 4.19 24.65 -15.20
CA THR B 26 5.52 24.04 -14.96
C THR B 26 5.32 22.59 -14.55
N ALA B 27 5.97 21.65 -15.24
CA ALA B 27 6.11 20.25 -14.79
C ALA B 27 7.20 20.25 -13.72
N ILE B 28 6.83 20.57 -12.47
CA ILE B 28 7.80 20.92 -11.39
C ILE B 28 8.65 19.70 -11.05
N LYS B 29 9.96 19.91 -10.90
CA LYS B 29 10.91 18.89 -10.39
C LYS B 29 10.61 18.58 -8.93
N THR B 30 10.70 17.31 -8.52
CA THR B 30 10.53 16.87 -7.11
C THR B 30 11.92 16.68 -6.51
N PRO B 31 12.39 17.56 -5.60
CA PRO B 31 13.73 17.44 -5.03
C PRO B 31 13.75 16.48 -3.82
N TYR B 32 14.91 15.88 -3.53
CA TYR B 32 15.07 14.82 -2.49
C TYR B 32 16.08 15.20 -1.42
N LEU B 33 15.90 14.57 -0.25
CA LEU B 33 16.87 14.60 0.87
C LEU B 33 17.96 13.59 0.55
N PRO B 34 19.11 13.61 1.27
CA PRO B 34 20.17 12.62 1.03
C PRO B 34 19.73 11.15 1.11
N ASP B 35 18.70 10.82 1.88
CA ASP B 35 18.20 9.42 2.01
C ASP B 35 17.13 9.12 0.95
N GLY B 36 16.80 10.06 0.06
CA GLY B 36 15.86 9.81 -1.05
C GLY B 36 14.41 10.21 -0.74
N ARG B 37 14.11 10.61 0.50
CA ARG B 37 12.77 11.14 0.86
C ARG B 37 12.57 12.52 0.21
N PHE B 38 11.33 12.97 0.03
CA PHE B 38 11.06 14.32 -0.53
C PHE B 38 11.68 15.39 0.36
N ASP B 39 12.35 16.37 -0.26
CA ASP B 39 12.80 17.63 0.37
C ASP B 39 11.70 18.68 0.21
N LEU B 40 10.75 18.71 1.14
CA LEU B 40 9.58 19.63 1.04
C LEU B 40 10.03 21.08 1.16
N GLN B 41 11.08 21.38 1.93
CA GLN B 41 11.58 22.79 1.99
C GLN B 41 12.08 23.21 0.60
N ALA B 42 12.90 22.39 -0.06
CA ALA B 42 13.43 22.69 -1.41
C ALA B 42 12.26 22.80 -2.39
N TYR B 43 11.29 21.89 -2.30
CA TYR B 43 10.09 21.87 -3.18
C TYR B 43 9.32 23.17 -3.03
N ASP B 44 9.06 23.58 -1.80
CA ASP B 44 8.30 24.83 -1.50
C ASP B 44 9.05 26.03 -2.10
N ASP B 45 10.38 26.07 -1.97
CA ASP B 45 11.20 27.17 -2.54
C ASP B 45 11.06 27.14 -4.08
N LEU B 46 11.10 25.97 -4.72
CA LEU B 46 10.93 25.83 -6.19
C LEU B 46 9.57 26.37 -6.62
N VAL B 47 8.48 25.96 -5.97
CA VAL B 47 7.10 26.41 -6.31
C VAL B 47 6.99 27.92 -6.11
N ASN B 48 7.50 28.46 -5.00
CA ASN B 48 7.44 29.93 -4.74
C ASN B 48 8.18 30.67 -5.86
N THR B 49 9.33 30.17 -6.31
CA THR B 49 10.10 30.79 -7.41
C THR B 49 9.28 30.79 -8.71
N GLN B 50 8.59 29.69 -9.01
CA GLN B 50 7.69 29.62 -10.21
C GLN B 50 6.60 30.70 -10.11
N ILE B 51 5.95 30.83 -8.96
CA ILE B 51 4.83 31.79 -8.77
C ILE B 51 5.36 33.22 -8.96
N GLU B 52 6.49 33.55 -8.33
CA GLU B 52 7.07 34.90 -8.39
C GLU B 52 7.47 35.24 -9.83
N ASN B 53 7.72 34.25 -10.70
CA ASN B 53 8.20 34.48 -12.10
C ASN B 53 7.10 34.18 -13.14
N GLY B 54 5.85 34.05 -12.72
CA GLY B 54 4.66 34.06 -13.61
C GLY B 54 4.21 32.70 -14.10
N ALA B 55 4.67 31.58 -13.54
CA ALA B 55 4.00 30.27 -13.70
C ALA B 55 2.56 30.40 -13.17
N GLU B 56 1.59 29.87 -13.91
CA GLU B 56 0.14 29.98 -13.59
C GLU B 56 -0.38 28.64 -13.08
N GLY B 57 0.33 27.57 -13.40
CA GLY B 57 -0.04 26.22 -12.96
C GLY B 57 1.19 25.36 -12.76
N VAL B 58 1.01 24.30 -12.00
CA VAL B 58 2.06 23.28 -11.75
CA VAL B 58 2.05 23.28 -11.72
C VAL B 58 1.45 21.89 -11.95
N ILE B 59 2.16 21.04 -12.66
CA ILE B 59 1.86 19.57 -12.66
C ILE B 59 2.64 18.96 -11.49
N VAL B 60 1.95 18.24 -10.61
CA VAL B 60 2.59 17.60 -9.42
C VAL B 60 2.83 16.13 -9.74
N GLY B 61 4.11 15.72 -9.77
CA GLY B 61 4.50 14.34 -10.07
C GLY B 61 4.15 13.96 -11.49
N GLY B 62 4.39 14.87 -12.44
CA GLY B 62 4.46 14.55 -13.87
C GLY B 62 5.72 13.75 -14.17
N THR B 63 5.98 13.49 -15.44
CA THR B 63 7.23 12.80 -15.88
C THR B 63 8.44 13.53 -15.30
N THR B 64 8.45 14.86 -15.37
CA THR B 64 9.57 15.69 -14.90
C THR B 64 9.66 15.59 -13.38
N GLY B 65 8.51 15.50 -12.72
CA GLY B 65 8.41 15.40 -11.26
C GLY B 65 8.64 13.99 -10.75
N GLU B 66 8.94 13.04 -11.65
CA GLU B 66 9.23 11.63 -11.29
C GLU B 66 8.05 11.01 -10.52
N GLY B 67 6.81 11.32 -10.92
CA GLY B 67 5.63 10.59 -10.42
C GLY B 67 5.76 9.09 -10.58
N GLN B 68 6.39 8.64 -11.68
CA GLN B 68 6.68 7.21 -11.98
C GLN B 68 7.53 6.55 -10.86
N LEU B 69 8.25 7.32 -10.04
CA LEU B 69 9.14 6.77 -8.97
C LEU B 69 8.52 6.97 -7.59
N MET B 70 7.36 7.60 -7.50
CA MET B 70 6.69 7.81 -6.20
C MET B 70 5.85 6.57 -5.87
N SER B 71 5.73 6.27 -4.58
CA SER B 71 4.61 5.47 -4.05
C SER B 71 3.35 6.35 -4.12
N TRP B 72 2.17 5.77 -4.17
CA TRP B 72 0.92 6.57 -4.24
C TRP B 72 0.82 7.43 -2.96
N ASP B 73 1.29 6.96 -1.81
CA ASP B 73 1.12 7.78 -0.57
C ASP B 73 1.97 9.06 -0.67
N GLU B 74 3.19 8.97 -1.19
CA GLU B 74 4.05 10.16 -1.47
C GLU B 74 3.37 11.10 -2.49
N HIS B 75 2.83 10.53 -3.56
CA HIS B 75 2.29 11.32 -4.69
C HIS B 75 1.05 12.09 -4.22
N ILE B 76 0.15 11.41 -3.52
CA ILE B 76 -1.10 12.01 -3.00
C ILE B 76 -0.70 13.08 -1.97
N MET B 77 0.26 12.79 -1.10
CA MET B 77 0.74 13.79 -0.12
C MET B 77 1.23 15.04 -0.86
N LEU B 78 2.03 14.91 -1.91
CA LEU B 78 2.61 16.09 -2.60
C LEU B 78 1.49 16.91 -3.25
N ILE B 79 0.47 16.26 -3.82
CA ILE B 79 -0.71 16.96 -4.38
C ILE B 79 -1.40 17.75 -3.26
N GLY B 80 -1.78 17.09 -2.17
CA GLY B 80 -2.47 17.76 -1.05
C GLY B 80 -1.64 18.89 -0.45
N HIS B 81 -0.34 18.66 -0.29
CA HIS B 81 0.62 19.66 0.23
C HIS B 81 0.61 20.90 -0.69
N THR B 82 0.66 20.68 -2.00
CA THR B 82 0.75 21.78 -2.98
C THR B 82 -0.56 22.57 -2.98
N VAL B 83 -1.69 21.89 -2.95
CA VAL B 83 -3.02 22.56 -2.84
C VAL B 83 -3.02 23.39 -1.55
N ASN B 84 -2.65 22.79 -0.43
CA ASN B 84 -2.79 23.46 0.89
C ASN B 84 -1.90 24.70 0.94
N CYS B 85 -0.66 24.59 0.47
CA CYS B 85 0.35 25.65 0.64
C CYS B 85 0.23 26.70 -0.47
N PHE B 86 -0.20 26.33 -1.68
CA PHE B 86 -0.05 27.20 -2.88
C PHE B 86 -1.33 27.31 -3.71
N GLY B 87 -2.39 26.56 -3.37
CA GLY B 87 -3.62 26.45 -4.18
C GLY B 87 -4.31 27.79 -4.41
N GLY B 88 -4.07 28.78 -3.55
CA GLY B 88 -4.64 30.13 -3.70
C GLY B 88 -3.81 31.02 -4.61
N ARG B 89 -2.60 30.60 -5.01
CA ARG B 89 -1.62 31.45 -5.74
CA ARG B 89 -1.63 31.46 -5.75
C ARG B 89 -1.27 30.85 -7.10
N ILE B 90 -1.58 29.57 -7.33
CA ILE B 90 -1.28 28.85 -8.59
C ILE B 90 -2.30 27.71 -8.74
N LYS B 91 -2.63 27.33 -9.98
CA LYS B 91 -3.48 26.15 -10.22
C LYS B 91 -2.62 24.89 -10.04
N VAL B 92 -3.18 23.92 -9.33
CA VAL B 92 -2.49 22.66 -8.97
C VAL B 92 -3.11 21.53 -9.77
N ILE B 93 -2.34 20.95 -10.68
CA ILE B 93 -2.82 19.86 -11.55
C ILE B 93 -2.10 18.60 -11.11
N GLY B 94 -2.82 17.66 -10.49
CA GLY B 94 -2.20 16.39 -10.07
C GLY B 94 -2.01 15.47 -11.26
N ASN B 95 -0.82 14.92 -11.44
CA ASN B 95 -0.64 13.82 -12.38
C ASN B 95 -1.15 12.54 -11.72
N THR B 96 -2.45 12.25 -11.85
CA THR B 96 -3.10 11.07 -11.22
C THR B 96 -3.37 10.00 -12.29
N GLY B 97 -2.70 10.11 -13.43
CA GLY B 97 -2.76 9.12 -14.51
C GLY B 97 -2.01 7.83 -14.21
N SER B 98 -2.35 6.78 -14.94
CA SER B 98 -1.77 5.44 -14.75
C SER B 98 -2.05 4.60 -15.99
N ASN B 99 -1.21 3.61 -16.22
CA ASN B 99 -1.49 2.53 -17.19
C ASN B 99 -2.54 1.57 -16.62
N SER B 100 -2.84 1.68 -15.31
CA SER B 100 -3.88 0.87 -14.64
C SER B 100 -5.10 1.74 -14.36
N THR B 101 -6.24 1.37 -14.91
CA THR B 101 -7.49 2.17 -14.73
C THR B 101 -7.84 2.25 -13.24
N ARG B 102 -7.68 1.16 -12.49
CA ARG B 102 -7.98 1.15 -11.03
CA ARG B 102 -7.98 1.15 -11.03
C ARG B 102 -7.15 2.24 -10.33
N GLU B 103 -5.85 2.30 -10.61
CA GLU B 103 -4.93 3.29 -9.98
C GLU B 103 -5.36 4.70 -10.37
N ALA B 104 -5.67 4.92 -11.64
CA ALA B 104 -6.11 6.23 -12.17
C ALA B 104 -7.41 6.65 -11.48
N ILE B 105 -8.38 5.75 -11.32
CA ILE B 105 -9.67 6.08 -10.67
C ILE B 105 -9.41 6.49 -9.21
N HIS B 106 -8.67 5.69 -8.45
CA HIS B 106 -8.47 5.93 -7.00
C HIS B 106 -7.66 7.21 -6.80
N ALA B 107 -6.56 7.37 -7.54
CA ALA B 107 -5.66 8.54 -7.40
C ALA B 107 -6.42 9.82 -7.78
N THR B 108 -7.20 9.80 -8.86
CA THR B 108 -7.93 11.00 -9.34
C THR B 108 -9.03 11.40 -8.35
N GLU B 109 -9.83 10.45 -7.84
CA GLU B 109 -10.93 10.82 -6.93
C GLU B 109 -10.34 11.35 -5.63
N GLN B 110 -9.22 10.80 -5.18
CA GLN B 110 -8.52 11.25 -3.96
C GLN B 110 -7.96 12.68 -4.17
N GLY B 111 -7.27 12.89 -5.29
CA GLY B 111 -6.71 14.21 -5.65
C GLY B 111 -7.78 15.30 -5.66
N PHE B 112 -8.90 15.04 -6.31
CA PHE B 112 -10.05 16.00 -6.38
C PHE B 112 -10.66 16.17 -5.00
N ALA B 113 -10.78 15.11 -4.19
CA ALA B 113 -11.36 15.23 -2.83
C ALA B 113 -10.51 16.17 -1.96
N MET B 114 -9.21 16.29 -2.22
CA MET B 114 -8.25 17.11 -1.46
CA MET B 114 -8.35 17.17 -1.39
C MET B 114 -8.03 18.48 -2.14
N GLY B 115 -8.79 18.75 -3.21
CA GLY B 115 -8.94 20.10 -3.82
C GLY B 115 -8.00 20.43 -4.97
N MET B 116 -7.34 19.46 -5.60
CA MET B 116 -6.52 19.79 -6.80
C MET B 116 -7.47 20.35 -7.88
N HIS B 117 -6.98 21.28 -8.71
CA HIS B 117 -7.81 22.04 -9.66
C HIS B 117 -8.05 21.23 -10.94
N GLY B 118 -7.15 20.30 -11.24
CA GLY B 118 -7.29 19.47 -12.45
C GLY B 118 -6.44 18.23 -12.36
N ALA B 119 -6.58 17.36 -13.36
CA ALA B 119 -5.86 16.08 -13.44
C ALA B 119 -5.21 16.00 -14.83
N LEU B 120 -3.99 15.48 -14.85
CA LEU B 120 -3.30 15.08 -16.10
C LEU B 120 -3.45 13.57 -16.26
N HIS B 121 -3.92 13.13 -17.42
CA HIS B 121 -4.22 11.71 -17.76
C HIS B 121 -3.54 11.31 -19.06
N ILE B 122 -2.48 10.52 -18.93
CA ILE B 122 -1.80 9.82 -20.05
C ILE B 122 -2.65 8.62 -20.47
N ASN B 123 -2.48 8.19 -21.71
CA ASN B 123 -3.05 6.89 -22.15
C ASN B 123 -2.16 5.78 -21.58
N PRO B 124 -2.70 4.56 -21.36
CA PRO B 124 -1.91 3.48 -20.78
C PRO B 124 -0.61 3.19 -21.56
N TYR B 125 0.52 3.27 -20.84
CA TYR B 125 1.91 3.01 -21.31
C TYR B 125 2.27 1.57 -20.95
N TYR B 126 3.15 0.96 -21.75
CA TYR B 126 3.69 -0.41 -21.56
C TYR B 126 2.56 -1.42 -21.81
N GLY B 127 1.51 -1.41 -20.98
CA GLY B 127 0.30 -2.23 -21.20
C GLY B 127 -0.65 -1.52 -22.14
N LYS B 128 -0.27 -1.33 -23.40
CA LYS B 128 -1.07 -0.50 -24.31
C LYS B 128 -2.34 -1.25 -24.67
N THR B 129 -3.39 -0.52 -25.00
CA THR B 129 -4.74 -1.07 -25.21
C THR B 129 -5.25 -0.66 -26.60
N SER B 130 -6.46 -1.09 -26.91
CA SER B 130 -7.18 -0.79 -28.17
C SER B 130 -7.72 0.64 -28.08
N ILE B 131 -8.14 1.20 -29.21
CA ILE B 131 -8.82 2.52 -29.23
C ILE B 131 -10.04 2.45 -28.30
N GLU B 132 -10.84 1.39 -28.38
CA GLU B 132 -12.05 1.21 -27.52
C GLU B 132 -11.62 1.17 -26.05
N GLY B 133 -10.53 0.46 -25.75
CA GLY B 133 -9.99 0.38 -24.38
C GLY B 133 -9.51 1.74 -23.88
N MET B 134 -8.88 2.51 -24.75
CA MET B 134 -8.38 3.86 -24.42
C MET B 134 -9.56 4.76 -24.03
N ASN B 135 -10.60 4.81 -24.87
CA ASN B 135 -11.85 5.53 -24.53
C ASN B 135 -12.38 5.04 -23.17
N ALA B 136 -12.53 3.73 -22.96
CA ALA B 136 -13.06 3.16 -21.69
C ALA B 136 -12.26 3.69 -20.49
N HIS B 137 -10.93 3.67 -20.58
CA HIS B 137 -10.00 4.18 -19.54
C HIS B 137 -10.33 5.64 -19.19
N PHE B 138 -10.29 6.52 -20.18
CA PHE B 138 -10.47 7.97 -19.97
C PHE B 138 -11.87 8.24 -19.43
N GLN B 139 -12.87 7.47 -19.86
CA GLN B 139 -14.28 7.73 -19.44
C GLN B 139 -14.45 7.47 -17.95
N THR B 140 -13.58 6.69 -17.29
CA THR B 140 -13.70 6.38 -15.83
C THR B 140 -13.27 7.59 -14.99
N VAL B 141 -12.49 8.51 -15.54
CA VAL B 141 -11.89 9.63 -14.76
C VAL B 141 -12.36 10.99 -15.29
N LEU B 142 -12.85 11.09 -16.54
CA LEU B 142 -13.17 12.39 -17.16
CA LEU B 142 -13.19 12.38 -17.17
C LEU B 142 -14.28 13.09 -16.35
N HIS B 143 -15.22 12.34 -15.78
CA HIS B 143 -16.38 12.90 -15.04
C HIS B 143 -15.92 13.51 -13.70
N MET B 144 -14.71 13.24 -13.21
CA MET B 144 -14.32 13.61 -11.82
C MET B 144 -13.96 15.09 -11.70
N GLY B 145 -13.56 15.73 -12.79
CA GLY B 145 -13.15 17.14 -12.79
C GLY B 145 -12.32 17.49 -14.02
N PRO B 146 -11.84 18.74 -14.08
CA PRO B 146 -11.07 19.25 -15.22
C PRO B 146 -9.87 18.36 -15.53
N THR B 147 -9.78 17.89 -16.77
CA THR B 147 -8.80 16.87 -17.17
C THR B 147 -8.00 17.39 -18.37
N ILE B 148 -6.69 17.23 -18.33
CA ILE B 148 -5.80 17.41 -19.50
C ILE B 148 -5.37 16.03 -19.98
N ILE B 149 -5.68 15.69 -21.25
CA ILE B 149 -5.27 14.42 -21.87
C ILE B 149 -3.83 14.58 -22.36
N TYR B 150 -2.97 13.63 -22.03
CA TYR B 150 -1.52 13.72 -22.29
C TYR B 150 -1.14 12.73 -23.37
N ASN B 151 -0.82 13.23 -24.57
CA ASN B 151 -0.35 12.39 -25.69
C ASN B 151 1.15 12.55 -25.86
N VAL B 152 1.91 11.51 -25.54
CA VAL B 152 3.39 11.50 -25.61
C VAL B 152 3.84 10.15 -26.15
N PRO B 153 3.62 9.90 -27.47
CA PRO B 153 3.87 8.59 -28.08
C PRO B 153 5.34 8.12 -28.01
N GLY B 154 6.29 9.05 -27.89
CA GLY B 154 7.71 8.69 -27.69
C GLY B 154 7.95 7.97 -26.36
N ARG B 155 7.05 8.13 -25.38
CA ARG B 155 7.18 7.48 -24.04
CA ARG B 155 7.19 7.46 -24.05
C ARG B 155 6.16 6.34 -23.90
N THR B 156 4.94 6.53 -24.40
CA THR B 156 3.88 5.51 -24.22
C THR B 156 3.97 4.44 -25.29
N CYS B 157 4.61 4.77 -26.41
CA CYS B 157 4.67 3.94 -27.65
C CYS B 157 3.27 3.75 -28.25
N GLN B 158 2.36 4.68 -28.01
CA GLN B 158 1.00 4.62 -28.60
C GLN B 158 0.43 6.02 -28.73
N ASP B 159 0.22 6.44 -29.97
CA ASP B 159 -0.40 7.73 -30.32
C ASP B 159 -1.86 7.68 -29.89
N ILE B 160 -2.33 8.69 -29.16
CA ILE B 160 -3.78 8.94 -28.97
C ILE B 160 -4.26 9.60 -30.25
N PRO B 161 -5.04 8.89 -31.08
CA PRO B 161 -5.41 9.43 -32.39
C PRO B 161 -6.46 10.52 -32.23
N PRO B 162 -6.56 11.44 -33.21
CA PRO B 162 -7.58 12.49 -33.18
C PRO B 162 -9.01 12.00 -32.89
N GLN B 163 -9.42 10.83 -33.39
CA GLN B 163 -10.79 10.29 -33.16
CA GLN B 163 -10.79 10.29 -33.16
C GLN B 163 -11.05 10.19 -31.65
N VAL B 164 -10.05 9.77 -30.86
CA VAL B 164 -10.22 9.63 -29.38
C VAL B 164 -10.34 11.02 -28.77
N ILE B 165 -9.44 11.94 -29.14
CA ILE B 165 -9.44 13.32 -28.58
C ILE B 165 -10.77 13.99 -28.92
N PHE B 166 -11.24 13.90 -30.17
CA PHE B 166 -12.52 14.53 -30.58
C PHE B 166 -13.69 13.95 -29.77
N LYS B 167 -13.72 12.63 -29.54
CA LYS B 167 -14.79 12.00 -28.72
C LYS B 167 -14.70 12.50 -27.27
N LEU B 168 -13.50 12.51 -26.69
CA LEU B 168 -13.32 12.97 -25.28
C LEU B 168 -13.74 14.43 -25.17
N SER B 169 -13.50 15.26 -26.19
CA SER B 169 -13.81 16.71 -26.17
C SER B 169 -15.33 16.94 -26.07
N GLN B 170 -16.16 15.92 -26.27
CA GLN B 170 -17.63 16.05 -26.11
C GLN B 170 -17.94 16.26 -24.62
N ASN B 171 -17.05 15.85 -23.73
CA ASN B 171 -17.26 15.97 -22.26
C ASN B 171 -16.78 17.34 -21.80
N PRO B 172 -17.62 18.14 -21.11
CA PRO B 172 -17.22 19.48 -20.71
C PRO B 172 -16.03 19.52 -19.73
N ASN B 173 -15.70 18.38 -19.10
CA ASN B 173 -14.53 18.28 -18.18
C ASN B 173 -13.21 18.11 -18.95
N MET B 174 -13.24 17.85 -20.25
CA MET B 174 -11.97 17.78 -21.03
C MET B 174 -11.49 19.22 -21.25
N ALA B 175 -10.51 19.64 -20.45
CA ALA B 175 -9.96 21.01 -20.51
C ALA B 175 -9.22 21.16 -21.82
N GLY B 176 -8.37 20.19 -22.15
CA GLY B 176 -7.57 20.22 -23.37
C GLY B 176 -6.54 19.12 -23.41
N VAL B 177 -5.56 19.29 -24.28
CA VAL B 177 -4.55 18.24 -24.58
C VAL B 177 -3.16 18.81 -24.34
N LYS B 178 -2.35 18.04 -23.62
CA LYS B 178 -0.88 18.19 -23.61
C LYS B 178 -0.36 17.37 -24.77
N GLU B 179 0.05 18.03 -25.86
CA GLU B 179 0.34 17.37 -27.16
C GLU B 179 1.84 17.43 -27.45
N CYS B 180 2.43 16.26 -27.75
CA CYS B 180 3.87 16.10 -28.05
C CYS B 180 4.11 15.65 -29.50
N VAL B 181 3.06 15.35 -30.27
CA VAL B 181 3.25 14.79 -31.64
C VAL B 181 3.89 15.87 -32.52
N GLY B 182 3.47 17.13 -32.36
CA GLY B 182 4.05 18.27 -33.13
C GLY B 182 3.00 19.26 -33.56
N ASN B 183 3.45 20.33 -34.24
CA ASN B 183 2.62 21.52 -34.50
C ASN B 183 1.47 21.19 -35.47
N ASN B 184 1.63 20.23 -36.39
CA ASN B 184 0.52 19.80 -37.28
C ASN B 184 -0.60 19.17 -36.46
N ARG B 185 -0.28 18.34 -35.47
CA ARG B 185 -1.31 17.73 -34.58
C ARG B 185 -1.94 18.84 -33.75
N VAL B 186 -1.12 19.75 -33.20
CA VAL B 186 -1.63 20.90 -32.39
C VAL B 186 -2.71 21.61 -33.21
N GLU B 187 -2.40 21.97 -34.45
CA GLU B 187 -3.26 22.80 -35.33
C GLU B 187 -4.58 22.05 -35.60
N GLU B 188 -4.52 20.74 -35.82
CA GLU B 188 -5.72 19.92 -36.07
C GLU B 188 -6.71 20.13 -34.91
N TYR B 189 -6.24 20.19 -33.67
CA TYR B 189 -7.13 20.37 -32.49
C TYR B 189 -7.54 21.84 -32.33
N THR B 190 -6.59 22.77 -32.41
CA THR B 190 -6.87 24.19 -32.08
C THR B 190 -7.81 24.79 -33.13
N GLU B 191 -7.73 24.37 -34.40
CA GLU B 191 -8.62 24.88 -35.48
CA GLU B 191 -8.62 24.89 -35.46
C GLU B 191 -10.07 24.51 -35.16
N LYS B 192 -10.29 23.42 -34.41
CA LYS B 192 -11.64 22.94 -34.03
C LYS B 192 -12.04 23.50 -32.65
N GLY B 193 -11.21 24.32 -32.01
CA GLY B 193 -11.53 24.99 -30.74
C GLY B 193 -11.11 24.18 -29.51
N ILE B 194 -10.33 23.12 -29.69
CA ILE B 194 -9.79 22.32 -28.54
C ILE B 194 -8.54 23.02 -28.01
N VAL B 195 -8.46 23.19 -26.70
CA VAL B 195 -7.31 23.86 -26.06
C VAL B 195 -6.13 22.91 -26.09
N VAL B 196 -4.97 23.40 -26.53
CA VAL B 196 -3.74 22.58 -26.61
C VAL B 196 -2.59 23.31 -25.91
N TRP B 197 -1.88 22.60 -25.02
CA TRP B 197 -0.55 22.99 -24.50
C TRP B 197 0.47 22.13 -25.23
N SER B 198 1.49 22.74 -25.82
CA SER B 198 2.66 21.99 -26.33
C SER B 198 3.35 21.33 -25.13
N GLY B 199 3.75 20.07 -25.30
CA GLY B 199 4.61 19.34 -24.36
C GLY B 199 6.06 19.36 -24.83
N ASN B 200 6.40 20.14 -25.86
CA ASN B 200 7.76 20.17 -26.45
C ASN B 200 8.32 21.58 -26.31
N ASP B 201 9.21 21.81 -25.36
CA ASP B 201 9.78 23.16 -25.10
C ASP B 201 10.38 23.75 -26.39
N ASP B 202 11.05 22.96 -27.24
CA ASP B 202 11.72 23.47 -28.46
C ASP B 202 10.71 23.74 -29.59
N GLN B 203 9.42 23.45 -29.41
CA GLN B 203 8.35 23.73 -30.40
C GLN B 203 7.33 24.72 -29.83
N CYS B 204 7.34 25.01 -28.53
CA CYS B 204 6.17 25.67 -27.88
C CYS B 204 6.04 27.12 -28.39
N HIS B 205 7.13 27.78 -28.75
CA HIS B 205 7.06 29.16 -29.28
C HIS B 205 6.25 29.15 -30.57
N ASP B 206 6.65 28.34 -31.55
CA ASP B 206 5.94 28.28 -32.86
C ASP B 206 4.52 27.74 -32.65
N SER B 207 4.33 26.79 -31.73
CA SER B 207 3.01 26.21 -31.43
C SER B 207 2.06 27.34 -30.96
N ARG B 208 2.55 28.19 -30.07
CA ARG B 208 1.77 29.27 -29.40
C ARG B 208 1.36 30.33 -30.43
N TRP B 209 2.28 30.78 -31.28
CA TRP B 209 2.05 31.99 -32.12
C TRP B 209 1.61 31.60 -33.54
N ASP B 210 1.94 30.41 -34.02
CA ASP B 210 1.67 30.00 -35.42
C ASP B 210 0.61 28.89 -35.51
N HIS B 211 0.31 28.15 -34.44
CA HIS B 211 -0.54 26.94 -34.52
C HIS B 211 -1.64 26.92 -33.45
N GLY B 212 -1.87 28.03 -32.76
CA GLY B 212 -3.06 28.21 -31.91
C GLY B 212 -2.96 27.55 -30.53
N ALA B 213 -1.80 27.05 -30.12
CA ALA B 213 -1.59 26.52 -28.74
C ALA B 213 -1.86 27.63 -27.73
N THR B 214 -2.49 27.28 -26.61
CA THR B 214 -2.78 28.23 -25.51
C THR B 214 -1.47 28.55 -24.77
N GLY B 215 -0.56 27.59 -24.73
CA GLY B 215 0.71 27.73 -24.00
C GLY B 215 1.45 26.43 -23.95
N VAL B 216 2.17 26.21 -22.85
CA VAL B 216 3.16 25.13 -22.71
C VAL B 216 3.01 24.49 -21.33
N ILE B 217 3.13 23.17 -21.28
CA ILE B 217 3.45 22.44 -20.03
C ILE B 217 4.94 22.11 -20.13
N SER B 218 5.76 22.81 -19.36
CA SER B 218 7.18 23.06 -19.66
C SER B 218 8.09 22.33 -18.66
N VAL B 219 9.19 21.75 -19.17
CA VAL B 219 10.37 21.33 -18.37
C VAL B 219 11.29 22.54 -18.15
N THR B 220 11.57 23.28 -19.22
CA THR B 220 12.55 24.40 -19.25
C THR B 220 12.15 25.47 -18.22
N SER B 221 10.86 25.66 -17.94
CA SER B 221 10.40 26.69 -16.97
C SER B 221 10.94 26.40 -15.56
N ASN B 222 11.32 25.14 -15.27
CA ASN B 222 12.02 24.79 -14.02
C ASN B 222 13.31 25.61 -13.85
N LEU B 223 13.95 26.00 -14.95
CA LEU B 223 15.27 26.69 -14.95
CA LEU B 223 15.27 26.69 -14.95
C LEU B 223 15.10 28.18 -15.20
N VAL B 224 14.32 28.54 -16.22
CA VAL B 224 14.17 29.97 -16.66
C VAL B 224 12.69 30.32 -16.76
N PRO B 225 11.95 30.32 -15.64
CA PRO B 225 10.50 30.54 -15.69
C PRO B 225 10.14 31.92 -16.28
N GLY B 226 10.91 32.97 -15.97
CA GLY B 226 10.66 34.33 -16.50
C GLY B 226 10.73 34.36 -18.02
N LEU B 227 11.75 33.74 -18.61
CA LEU B 227 11.93 33.72 -20.10
C LEU B 227 10.80 32.90 -20.74
N MET B 228 10.35 31.81 -20.11
CA MET B 228 9.25 31.00 -20.69
C MET B 228 7.94 31.78 -20.58
N ARG B 229 7.74 32.54 -19.52
CA ARG B 229 6.56 33.42 -19.37
C ARG B 229 6.55 34.44 -20.51
N LYS B 230 7.72 35.02 -20.80
CA LYS B 230 7.87 36.03 -21.87
C LYS B 230 7.50 35.40 -23.21
N LEU B 231 8.01 34.19 -23.45
CA LEU B 231 7.81 33.43 -24.72
CA LEU B 231 7.79 33.45 -24.72
C LEU B 231 6.31 33.18 -24.96
N MET B 232 5.51 33.02 -23.88
CA MET B 232 4.09 32.61 -23.99
C MET B 232 3.13 33.80 -23.97
N PHE B 233 3.57 34.99 -23.54
CA PHE B 233 2.66 36.14 -23.34
C PHE B 233 2.95 37.32 -24.28
N GLU B 234 4.20 37.58 -24.66
CA GLU B 234 4.64 38.89 -25.23
C GLU B 234 4.83 38.84 -26.76
N GLY B 235 4.18 37.89 -27.43
CA GLY B 235 4.14 37.76 -28.89
C GLY B 235 5.35 37.02 -29.43
N ARG B 236 5.42 36.89 -30.75
CA ARG B 236 6.54 36.23 -31.46
C ARG B 236 7.84 36.88 -31.01
N ASN B 237 8.81 36.07 -30.64
CA ASN B 237 10.18 36.53 -30.30
C ASN B 237 11.12 35.41 -30.74
N SER B 238 11.41 35.34 -32.05
CA SER B 238 12.26 34.27 -32.63
CA SER B 238 12.27 34.32 -32.68
C SER B 238 13.69 34.35 -32.11
N ALA B 239 14.16 35.55 -31.75
CA ALA B 239 15.51 35.78 -31.18
C ALA B 239 15.60 35.11 -29.80
N LEU B 240 14.66 35.38 -28.89
CA LEU B 240 14.64 34.77 -27.53
C LEU B 240 14.51 33.24 -27.68
N ASN B 241 13.63 32.78 -28.56
CA ASN B 241 13.39 31.34 -28.80
C ASN B 241 14.72 30.69 -29.24
N ALA B 242 15.44 31.33 -30.17
CA ALA B 242 16.76 30.87 -30.67
C ALA B 242 17.79 30.85 -29.54
N LYS B 243 17.77 31.83 -28.65
CA LYS B 243 18.76 31.92 -27.54
C LYS B 243 18.53 30.76 -26.54
N LEU B 244 17.30 30.26 -26.40
CA LEU B 244 16.97 29.18 -25.43
C LEU B 244 17.25 27.81 -26.05
N LEU B 245 17.48 27.71 -27.37
CA LEU B 245 17.58 26.37 -28.03
C LEU B 245 18.77 25.56 -27.49
N PRO B 246 20.00 26.13 -27.35
CA PRO B 246 21.11 25.34 -26.80
C PRO B 246 20.78 24.76 -25.42
N LEU B 247 20.10 25.52 -24.55
CA LEU B 247 19.65 25.06 -23.22
C LEU B 247 18.63 23.94 -23.38
N MET B 248 17.64 24.10 -24.27
CA MET B 248 16.63 23.03 -24.45
C MET B 248 17.27 21.77 -25.04
N ASP B 249 18.26 21.90 -25.94
CA ASP B 249 19.00 20.75 -26.49
C ASP B 249 19.72 20.00 -25.36
N TRP B 250 20.43 20.74 -24.51
CA TRP B 250 21.18 20.18 -23.36
C TRP B 250 20.21 19.43 -22.41
N LEU B 251 19.04 20.00 -22.16
CA LEU B 251 18.03 19.43 -21.22
C LEU B 251 17.47 18.10 -21.73
N PHE B 252 17.59 17.79 -23.02
CA PHE B 252 16.95 16.57 -23.59
C PHE B 252 17.95 15.66 -24.29
N GLN B 253 19.26 15.83 -24.08
CA GLN B 253 20.28 14.95 -24.74
C GLN B 253 20.18 13.56 -24.12
N GLU B 254 19.85 13.46 -22.82
CA GLU B 254 19.39 12.19 -22.19
C GLU B 254 17.92 12.35 -21.84
N PRO B 255 17.16 11.28 -21.59
CA PRO B 255 15.74 11.42 -21.29
C PRO B 255 15.49 12.30 -20.06
N ASN B 256 14.58 13.24 -20.21
CA ASN B 256 13.98 14.02 -19.11
C ASN B 256 13.51 13.02 -18.06
N PRO B 257 13.74 13.24 -16.74
CA PRO B 257 14.34 14.46 -16.19
C PRO B 257 15.83 14.44 -15.81
N ILE B 258 16.64 13.65 -16.49
CA ILE B 258 18.09 13.58 -16.17
C ILE B 258 18.71 14.99 -16.25
N GLY B 259 18.40 15.74 -17.31
CA GLY B 259 18.93 17.10 -17.52
C GLY B 259 18.50 18.07 -16.44
N VAL B 260 17.20 18.20 -16.20
CA VAL B 260 16.66 19.19 -15.23
C VAL B 260 17.16 18.82 -13.83
N ASN B 261 17.24 17.53 -13.50
CA ASN B 261 17.75 17.07 -12.17
C ASN B 261 19.21 17.51 -12.01
N THR B 262 20.03 17.34 -13.05
CA THR B 262 21.46 17.73 -13.02
C THR B 262 21.59 19.25 -12.89
N ALA B 263 20.84 20.00 -13.69
CA ALA B 263 20.87 21.48 -13.75
C ALA B 263 20.47 22.08 -12.41
N LEU B 264 19.37 21.58 -11.80
CA LEU B 264 18.86 22.17 -10.54
C LEU B 264 19.88 21.93 -9.41
N ALA B 265 20.59 20.79 -9.44
CA ALA B 265 21.71 20.50 -8.51
C ALA B 265 22.83 21.54 -8.75
N GLN B 266 23.22 21.75 -10.02
CA GLN B 266 24.28 22.73 -10.39
C GLN B 266 23.91 24.16 -9.95
N LEU B 267 22.63 24.53 -10.00
CA LEU B 267 22.16 25.89 -9.62
C LEU B 267 21.98 26.00 -8.11
N GLY B 268 22.11 24.89 -7.39
CA GLY B 268 22.05 24.84 -5.91
C GLY B 268 20.63 24.94 -5.36
N VAL B 269 19.59 24.65 -6.14
CA VAL B 269 18.18 24.78 -5.65
C VAL B 269 17.58 23.40 -5.33
N ALA B 270 18.28 22.33 -5.67
CA ALA B 270 17.94 20.93 -5.28
C ALA B 270 19.25 20.23 -4.92
N ARG B 271 19.18 19.29 -3.99
CA ARG B 271 20.36 18.48 -3.61
C ARG B 271 20.70 17.58 -4.78
N PRO B 272 21.99 17.19 -4.92
CA PRO B 272 22.42 16.28 -6.00
C PRO B 272 22.09 14.83 -5.65
N VAL B 273 20.80 14.54 -5.45
CA VAL B 273 20.27 13.21 -5.05
C VAL B 273 19.35 12.74 -6.16
N PHE B 274 19.61 11.56 -6.72
CA PHE B 274 18.81 10.97 -7.81
C PHE B 274 18.16 9.70 -7.29
N ARG B 275 16.87 9.54 -7.56
CA ARG B 275 16.18 8.24 -7.43
C ARG B 275 16.47 7.45 -8.71
N LEU B 276 16.99 6.22 -8.58
CA LEU B 276 17.18 5.31 -9.72
C LEU B 276 15.81 5.04 -10.35
N PRO B 277 15.70 4.84 -11.68
CA PRO B 277 16.84 4.59 -12.57
C PRO B 277 17.51 5.81 -13.24
N TYR B 278 17.30 7.02 -12.72
CA TYR B 278 17.97 8.24 -13.25
C TYR B 278 19.35 8.38 -12.60
N VAL B 279 20.32 8.81 -13.42
CA VAL B 279 21.69 9.18 -12.95
C VAL B 279 22.06 10.49 -13.64
N PRO B 280 22.91 11.33 -13.01
CA PRO B 280 23.23 12.65 -13.54
C PRO B 280 23.97 12.57 -14.89
N LEU B 281 23.88 13.66 -15.66
CA LEU B 281 24.77 13.88 -16.83
C LEU B 281 26.20 13.90 -16.32
N PRO B 282 27.16 13.41 -17.12
CA PRO B 282 28.58 13.36 -16.71
C PRO B 282 29.28 14.72 -16.74
N LEU B 283 30.50 14.73 -16.18
CA LEU B 283 31.29 15.97 -15.92
C LEU B 283 31.31 16.88 -17.15
N SER B 284 31.58 16.36 -18.35
CA SER B 284 31.75 17.17 -19.58
C SER B 284 30.47 17.97 -19.83
N LYS B 285 29.31 17.36 -19.59
CA LYS B 285 28.00 18.01 -19.81
C LYS B 285 27.73 19.03 -18.71
N ARG B 286 28.16 18.76 -17.49
CA ARG B 286 28.00 19.74 -16.37
C ARG B 286 28.85 20.98 -16.68
N ILE B 287 30.05 20.81 -17.24
CA ILE B 287 30.91 21.95 -17.67
C ILE B 287 30.18 22.73 -18.78
N GLU B 288 29.57 22.04 -19.75
CA GLU B 288 28.75 22.66 -20.84
CA GLU B 288 28.82 22.75 -20.82
C GLU B 288 27.64 23.51 -20.21
N PHE B 289 27.02 22.99 -19.14
CA PHE B 289 25.88 23.68 -18.47
C PHE B 289 26.36 25.02 -17.90
N VAL B 290 27.53 25.05 -17.27
CA VAL B 290 28.04 26.32 -16.68
C VAL B 290 28.22 27.35 -17.81
N LYS B 291 28.68 26.89 -18.98
CA LYS B 291 28.89 27.76 -20.18
C LYS B 291 27.53 28.29 -20.66
N LEU B 292 26.49 27.46 -20.68
CA LEU B 292 25.12 27.84 -21.13
C LEU B 292 24.57 28.90 -20.19
N VAL B 293 24.76 28.71 -18.88
CA VAL B 293 24.29 29.69 -17.85
C VAL B 293 25.01 31.02 -18.06
N LYS B 294 26.31 31.00 -18.35
CA LYS B 294 27.09 32.25 -18.57
C LYS B 294 26.58 32.96 -19.84
N GLU B 295 26.28 32.23 -20.92
CA GLU B 295 25.81 32.83 -22.20
CA GLU B 295 25.80 32.81 -22.21
C GLU B 295 24.45 33.52 -21.98
N ILE B 296 23.51 32.86 -21.31
CA ILE B 296 22.15 33.44 -21.09
C ILE B 296 22.21 34.49 -19.98
N GLY B 297 23.00 34.26 -18.93
CA GLY B 297 23.01 35.12 -17.72
C GLY B 297 22.38 34.39 -16.54
N ARG B 298 23.13 34.27 -15.44
CA ARG B 298 22.75 33.53 -14.20
CA ARG B 298 22.71 33.48 -14.25
C ARG B 298 21.47 34.12 -13.63
N GLU B 299 21.27 35.42 -13.79
CA GLU B 299 20.10 36.15 -13.22
C GLU B 299 18.77 35.58 -13.76
N HIS B 300 18.76 34.96 -14.94
CA HIS B 300 17.54 34.41 -15.58
C HIS B 300 17.22 33.01 -15.01
N PHE B 301 18.19 32.36 -14.37
CA PHE B 301 18.03 30.99 -13.81
C PHE B 301 17.58 31.08 -12.35
N VAL B 302 16.81 30.07 -11.92
CA VAL B 302 16.30 29.97 -10.53
C VAL B 302 17.48 29.94 -9.55
N GLY B 303 17.26 30.50 -8.36
CA GLY B 303 18.24 30.45 -7.26
C GLY B 303 19.22 31.61 -7.33
N ASP B 304 19.99 31.79 -6.25
CA ASP B 304 20.90 32.94 -6.04
C ASP B 304 22.36 32.46 -6.01
N ARG B 305 22.62 31.18 -5.77
CA ARG B 305 24.00 30.66 -5.60
CA ARG B 305 24.00 30.63 -5.60
C ARG B 305 24.69 30.61 -6.97
N ASP B 306 25.97 30.96 -7.01
CA ASP B 306 26.83 30.80 -8.20
C ASP B 306 26.66 29.35 -8.70
N VAL B 307 26.55 29.16 -10.02
CA VAL B 307 26.39 27.82 -10.62
C VAL B 307 27.69 27.03 -10.38
N GLN B 308 27.57 25.75 -10.04
CA GLN B 308 28.74 24.85 -9.79
C GLN B 308 28.75 23.76 -10.86
N VAL B 309 29.94 23.26 -11.19
CA VAL B 309 30.12 22.06 -12.05
C VAL B 309 29.62 20.83 -11.27
N LEU B 310 30.01 20.75 -9.99
CA LEU B 310 29.88 19.58 -9.07
C LEU B 310 30.83 18.44 -9.47
N ASP B 311 31.36 17.75 -8.46
CA ASP B 311 32.22 16.55 -8.61
C ASP B 311 31.33 15.32 -8.80
N ASP B 312 31.81 14.31 -9.51
CA ASP B 312 31.11 12.99 -9.64
C ASP B 312 30.65 12.50 -8.26
N ASP B 313 31.48 12.62 -7.22
CA ASP B 313 31.18 12.00 -5.89
CA ASP B 313 31.21 12.01 -5.88
C ASP B 313 30.26 12.89 -5.07
N ASP B 314 29.86 14.06 -5.58
CA ASP B 314 28.82 14.91 -4.94
C ASP B 314 27.44 14.27 -5.12
N PHE B 315 27.25 13.40 -6.12
CA PHE B 315 25.92 12.85 -6.46
C PHE B 315 25.63 11.60 -5.61
N ILE B 316 24.41 11.50 -5.11
CA ILE B 316 23.91 10.31 -4.36
C ILE B 316 22.86 9.62 -5.24
N LEU B 317 23.01 8.32 -5.49
CA LEU B 317 22.03 7.49 -6.24
C LEU B 317 21.30 6.60 -5.23
N ILE B 318 19.97 6.64 -5.20
CA ILE B 318 19.13 5.89 -4.22
C ILE B 318 18.26 4.89 -4.99
N GLY B 319 18.33 3.60 -4.66
CA GLY B 319 17.43 2.56 -5.19
C GLY B 319 16.38 2.21 -4.17
N ARG B 320 16.81 1.89 -2.96
CA ARG B 320 15.96 1.50 -1.80
C ARG B 320 15.82 2.73 -0.91
N TYR B 321 14.63 3.33 -0.90
CA TYR B 321 14.30 4.61 -0.23
C TYR B 321 12.85 4.56 0.26
N ASP C 10 -13.72 -35.04 5.58
CA ASP C 10 -12.62 -36.03 5.84
C ASP C 10 -11.27 -35.43 5.41
N LYS C 11 -11.23 -34.62 4.34
CA LYS C 11 -10.00 -33.95 3.80
C LYS C 11 -9.60 -32.77 4.69
N ASN C 12 -10.58 -31.96 5.12
CA ASN C 12 -10.41 -30.78 6.03
C ASN C 12 -10.23 -31.26 7.47
N ARG C 13 -10.97 -32.30 7.86
CA ARG C 13 -10.98 -32.91 9.22
C ARG C 13 -9.53 -33.19 9.64
N THR C 14 -8.73 -33.79 8.76
CA THR C 14 -7.33 -34.23 9.08
C THR C 14 -6.40 -33.01 9.19
N ASN C 15 -6.58 -31.99 8.33
CA ASN C 15 -5.81 -30.71 8.37
C ASN C 15 -5.96 -30.07 9.76
N THR C 16 -7.20 -29.95 10.25
CA THR C 16 -7.50 -29.41 11.60
C THR C 16 -6.97 -30.37 12.67
N ASP C 17 -7.11 -31.69 12.49
CA ASP C 17 -6.60 -32.69 13.47
C ASP C 17 -5.07 -32.62 13.54
N ASP C 18 -4.39 -32.35 12.42
CA ASP C 18 -2.91 -32.18 12.40
C ASP C 18 -2.50 -31.03 13.35
N ILE C 19 -3.28 -29.94 13.38
CA ILE C 19 -3.04 -28.76 14.28
C ILE C 19 -3.38 -29.14 15.73
N ARG C 20 -4.51 -29.80 15.95
CA ARG C 20 -5.00 -30.17 17.30
C ARG C 20 -3.97 -31.03 18.06
N SER C 21 -3.11 -31.78 17.36
CA SER C 21 -2.17 -32.74 17.99
C SER C 21 -0.85 -32.06 18.35
N LEU C 22 -0.62 -30.81 17.93
CA LEU C 22 0.66 -30.09 18.21
C LEU C 22 0.74 -29.72 19.70
N ARG C 23 1.85 -29.99 20.36
CA ARG C 23 2.03 -29.66 21.80
C ARG C 23 2.96 -28.45 21.97
N VAL C 24 3.93 -28.28 21.09
CA VAL C 24 4.95 -27.19 21.12
C VAL C 24 4.82 -26.37 19.84
N ILE C 25 4.23 -25.19 19.95
CA ILE C 25 4.12 -24.19 18.86
C ILE C 25 4.92 -22.97 19.30
N THR C 26 5.92 -22.61 18.51
CA THR C 26 6.80 -21.46 18.84
C THR C 26 6.22 -20.20 18.18
N ALA C 27 5.97 -19.16 18.96
CA ALA C 27 5.68 -17.81 18.43
C ALA C 27 7.02 -17.20 18.03
N ILE C 28 7.48 -17.46 16.82
CA ILE C 28 8.90 -17.23 16.42
C ILE C 28 9.13 -15.71 16.30
N LYS C 29 10.30 -15.27 16.76
CA LYS C 29 10.78 -13.88 16.67
C LYS C 29 11.13 -13.59 15.21
N THR C 30 10.83 -12.37 14.75
CA THR C 30 11.22 -11.88 13.41
C THR C 30 12.49 -11.04 13.55
N PRO C 31 13.65 -11.50 13.07
CA PRO C 31 14.90 -10.75 13.23
C PRO C 31 15.06 -9.74 12.09
N TYR C 32 15.82 -8.67 12.33
CA TYR C 32 15.97 -7.52 11.39
C TYR C 32 17.44 -7.33 11.04
N LEU C 33 17.66 -6.79 9.85
CA LEU C 33 18.95 -6.21 9.41
C LEU C 33 19.01 -4.76 9.88
N PRO C 34 20.19 -4.12 9.86
CA PRO C 34 20.36 -2.82 10.53
C PRO C 34 19.40 -1.68 10.12
N ASP C 35 18.81 -1.69 8.93
CA ASP C 35 17.87 -0.60 8.55
C ASP C 35 16.42 -1.01 8.83
N GLY C 36 16.20 -2.14 9.51
CA GLY C 36 14.86 -2.56 9.96
C GLY C 36 14.18 -3.54 9.01
N ARG C 37 14.77 -3.84 7.84
CA ARG C 37 14.24 -4.88 6.92
C ARG C 37 14.42 -6.28 7.56
N PHE C 38 13.61 -7.25 7.14
CA PHE C 38 13.70 -8.64 7.64
C PHE C 38 15.09 -9.21 7.33
N ASP C 39 15.66 -9.91 8.31
CA ASP C 39 16.90 -10.73 8.17
C ASP C 39 16.44 -12.17 7.89
N LEU C 40 16.19 -12.51 6.63
CA LEU C 40 15.61 -13.83 6.28
C LEU C 40 16.62 -14.95 6.58
N GLN C 41 17.92 -14.69 6.43
CA GLN C 41 18.98 -15.69 6.79
C GLN C 41 18.87 -16.03 8.28
N ALA C 42 18.84 -15.00 9.15
CA ALA C 42 18.71 -15.18 10.62
C ALA C 42 17.38 -15.89 10.94
N TYR C 43 16.30 -15.53 10.26
CA TYR C 43 14.97 -16.13 10.47
C TYR C 43 15.02 -17.63 10.18
N ASP C 44 15.57 -18.00 9.02
CA ASP C 44 15.67 -19.41 8.57
C ASP C 44 16.45 -20.23 9.59
N ASP C 45 17.55 -19.66 10.12
CA ASP C 45 18.38 -20.32 11.16
C ASP C 45 17.56 -20.51 12.42
N LEU C 46 16.78 -19.50 12.84
CA LEU C 46 15.89 -19.63 14.02
C LEU C 46 14.90 -20.77 13.80
N VAL C 47 14.22 -20.84 12.65
CA VAL C 47 13.16 -21.85 12.39
C VAL C 47 13.82 -23.25 12.36
N ASN C 48 14.95 -23.38 11.69
CA ASN C 48 15.70 -24.66 11.60
CA ASN C 48 15.71 -24.66 11.60
C ASN C 48 16.03 -25.14 13.02
N THR C 49 16.50 -24.23 13.88
CA THR C 49 16.84 -24.54 15.30
C THR C 49 15.59 -25.07 16.01
N GLN C 50 14.43 -24.43 15.79
CA GLN C 50 13.15 -24.86 16.42
C GLN C 50 12.84 -26.30 15.98
N ILE C 51 12.93 -26.58 14.68
CA ILE C 51 12.59 -27.91 14.11
C ILE C 51 13.54 -28.94 14.73
N GLU C 52 14.85 -28.67 14.69
CA GLU C 52 15.91 -29.57 15.20
C GLU C 52 15.65 -29.91 16.68
N ASN C 53 15.00 -29.04 17.44
CA ASN C 53 14.79 -29.19 18.90
C ASN C 53 13.34 -29.56 19.22
N GLY C 54 12.56 -29.99 18.23
CA GLY C 54 11.25 -30.64 18.41
C GLY C 54 10.08 -29.68 18.52
N ALA C 55 10.20 -28.41 18.10
CA ALA C 55 9.00 -27.56 17.89
C ALA C 55 8.21 -28.15 16.73
N GLU C 56 6.88 -28.24 16.85
CA GLU C 56 6.00 -28.92 15.87
C GLU C 56 5.19 -27.92 15.05
N GLY C 57 5.06 -26.69 15.53
CA GLY C 57 4.42 -25.60 14.77
C GLY C 57 5.13 -24.29 15.02
N VAL C 58 4.95 -23.33 14.12
CA VAL C 58 5.41 -21.91 14.28
CA VAL C 58 5.40 -21.93 14.33
C VAL C 58 4.23 -21.00 14.00
N ILE C 59 4.04 -19.97 14.81
CA ILE C 59 3.16 -18.81 14.49
C ILE C 59 4.04 -17.81 13.77
N VAL C 60 3.68 -17.41 12.54
CA VAL C 60 4.43 -16.42 11.73
C VAL C 60 3.77 -15.06 11.94
N GLY C 61 4.53 -14.12 12.51
CA GLY C 61 4.08 -12.75 12.77
C GLY C 61 2.99 -12.70 13.80
N GLY C 62 3.12 -13.51 14.86
CA GLY C 62 2.33 -13.33 16.09
C GLY C 62 2.81 -12.12 16.87
N THR C 63 2.30 -11.96 18.08
CA THR C 63 2.69 -10.82 18.97
C THR C 63 4.21 -10.84 19.14
N THR C 64 4.79 -12.01 19.39
CA THR C 64 6.25 -12.22 19.58
C THR C 64 6.99 -11.91 18.29
N GLY C 65 6.39 -12.26 17.14
CA GLY C 65 6.94 -12.03 15.80
C GLY C 65 6.73 -10.61 15.30
N GLU C 66 6.11 -9.72 16.09
CA GLU C 66 5.92 -8.29 15.73
C GLU C 66 5.11 -8.20 14.43
N GLY C 67 4.09 -9.05 14.28
CA GLY C 67 3.15 -8.93 13.15
C GLY C 67 2.50 -7.57 13.14
N GLN C 68 2.30 -6.99 14.32
CA GLN C 68 1.67 -5.66 14.54
C GLN C 68 2.51 -4.57 13.87
N LEU C 69 3.81 -4.81 13.62
CA LEU C 69 4.72 -3.79 13.01
C LEU C 69 4.97 -4.08 11.52
N MET C 70 4.45 -5.18 10.99
CA MET C 70 4.64 -5.51 9.56
C MET C 70 3.62 -4.78 8.71
N SER C 71 3.98 -4.49 7.47
CA SER C 71 2.98 -4.25 6.41
C SER C 71 2.37 -5.60 6.05
N TRP C 72 1.17 -5.62 5.49
CA TRP C 72 0.58 -6.91 5.04
C TRP C 72 1.43 -7.58 3.97
N ASP C 73 2.11 -6.83 3.10
CA ASP C 73 2.94 -7.46 2.04
CA ASP C 73 2.95 -7.43 2.04
C ASP C 73 4.12 -8.19 2.70
N GLU C 74 4.76 -7.58 3.71
CA GLU C 74 5.83 -8.24 4.50
C GLU C 74 5.25 -9.48 5.16
N HIS C 75 4.08 -9.35 5.79
CA HIS C 75 3.50 -10.42 6.65
C HIS C 75 3.17 -11.63 5.77
N ILE C 76 2.51 -11.41 4.65
CA ILE C 76 2.10 -12.50 3.72
C ILE C 76 3.37 -13.08 3.07
N MET C 77 4.36 -12.26 2.75
CA MET C 77 5.66 -12.76 2.22
CA MET C 77 5.66 -12.76 2.22
C MET C 77 6.29 -13.70 3.25
N LEU C 78 6.32 -13.32 4.52
CA LEU C 78 7.00 -14.16 5.55
C LEU C 78 6.25 -15.49 5.68
N ILE C 79 4.93 -15.49 5.59
CA ILE C 79 4.13 -16.75 5.63
C ILE C 79 4.52 -17.62 4.43
N GLY C 80 4.51 -17.08 3.22
CA GLY C 80 4.86 -17.84 2.00
C GLY C 80 6.28 -18.35 2.04
N HIS C 81 7.23 -17.50 2.45
CA HIS C 81 8.64 -17.88 2.66
C HIS C 81 8.71 -19.09 3.62
N THR C 82 8.00 -19.05 4.75
CA THR C 82 8.06 -20.10 5.79
C THR C 82 7.48 -21.41 5.25
N VAL C 83 6.35 -21.34 4.54
CA VAL C 83 5.71 -22.55 3.93
C VAL C 83 6.69 -23.16 2.91
N ASN C 84 7.24 -22.34 2.03
CA ASN C 84 8.08 -22.84 0.92
C ASN C 84 9.34 -23.51 1.48
N CYS C 85 9.93 -22.93 2.53
CA CYS C 85 11.23 -23.38 3.06
C CYS C 85 11.04 -24.50 4.08
N PHE C 86 9.95 -24.50 4.87
CA PHE C 86 9.86 -25.35 6.08
C PHE C 86 8.55 -26.12 6.21
N GLY C 87 7.61 -25.92 5.27
CA GLY C 87 6.23 -26.41 5.39
C GLY C 87 6.14 -27.93 5.45
N GLY C 88 7.15 -28.64 4.96
CA GLY C 88 7.19 -30.11 5.06
C GLY C 88 7.77 -30.61 6.36
N ARG C 89 8.38 -29.73 7.17
CA ARG C 89 9.15 -30.11 8.39
C ARG C 89 8.49 -29.55 9.67
N ILE C 90 7.58 -28.59 9.54
CA ILE C 90 6.87 -27.95 10.69
C ILE C 90 5.52 -27.43 10.17
N LYS C 91 4.50 -27.36 11.03
CA LYS C 91 3.18 -26.79 10.70
C LYS C 91 3.29 -25.26 10.78
N VAL C 92 2.86 -24.58 9.73
CA VAL C 92 3.02 -23.10 9.59
C VAL C 92 1.66 -22.48 9.83
N ILE C 93 1.51 -21.77 10.94
CA ILE C 93 0.25 -21.07 11.32
C ILE C 93 0.49 -19.57 11.15
N GLY C 94 -0.19 -18.96 10.18
CA GLY C 94 -0.09 -17.53 9.90
C GLY C 94 -0.93 -16.77 10.90
N ASN C 95 -0.36 -15.75 11.54
CA ASN C 95 -1.17 -14.79 12.36
C ASN C 95 -1.79 -13.78 11.39
N THR C 96 -2.97 -14.07 10.86
CA THR C 96 -3.63 -13.27 9.81
C THR C 96 -4.83 -12.54 10.42
N GLY C 97 -4.87 -12.43 11.75
CA GLY C 97 -5.95 -11.75 12.47
C GLY C 97 -5.81 -10.24 12.43
N SER C 98 -6.87 -9.51 12.73
CA SER C 98 -6.85 -8.02 12.69
C SER C 98 -8.04 -7.49 13.50
N ASN C 99 -7.94 -6.26 13.97
CA ASN C 99 -9.09 -5.54 14.58
C ASN C 99 -10.04 -5.09 13.45
N SER C 100 -9.62 -5.19 12.19
CA SER C 100 -10.46 -4.87 11.00
C SER C 100 -10.85 -6.17 10.29
N THR C 101 -12.15 -6.43 10.20
CA THR C 101 -12.67 -7.64 9.54
C THR C 101 -12.16 -7.67 8.11
N ARG C 102 -12.21 -6.55 7.39
CA ARG C 102 -11.71 -6.47 6.00
C ARG C 102 -10.27 -6.96 5.94
N GLU C 103 -9.40 -6.51 6.86
CA GLU C 103 -7.97 -6.90 6.86
C GLU C 103 -7.85 -8.40 7.16
N ALA C 104 -8.62 -8.91 8.12
CA ALA C 104 -8.55 -10.33 8.54
C ALA C 104 -8.97 -11.22 7.37
N ILE C 105 -10.06 -10.87 6.68
CA ILE C 105 -10.55 -11.64 5.50
C ILE C 105 -9.43 -11.71 4.46
N HIS C 106 -8.89 -10.57 4.06
CA HIS C 106 -7.90 -10.47 2.97
C HIS C 106 -6.65 -11.25 3.37
N ALA C 107 -6.14 -11.03 4.58
CA ALA C 107 -4.88 -11.61 5.04
C ALA C 107 -5.05 -13.13 5.13
N THR C 108 -6.21 -13.59 5.63
CA THR C 108 -6.44 -15.03 5.87
C THR C 108 -6.53 -15.74 4.51
N GLU C 109 -7.25 -15.16 3.54
CA GLU C 109 -7.36 -15.73 2.17
CA GLU C 109 -7.36 -15.80 2.21
C GLU C 109 -5.98 -15.86 1.56
N GLN C 110 -5.19 -14.79 1.63
CA GLN C 110 -3.83 -14.76 1.04
C GLN C 110 -2.93 -15.79 1.76
N GLY C 111 -3.02 -15.87 3.08
CA GLY C 111 -2.23 -16.84 3.88
C GLY C 111 -2.49 -18.28 3.43
N PHE C 112 -3.75 -18.68 3.34
CA PHE C 112 -4.13 -20.05 2.90
C PHE C 112 -3.70 -20.25 1.44
N ALA C 113 -3.77 -19.21 0.59
CA ALA C 113 -3.31 -19.27 -0.82
C ALA C 113 -1.79 -19.53 -0.86
N MET C 114 -1.05 -19.11 0.18
CA MET C 114 0.42 -19.36 0.27
C MET C 114 0.67 -20.80 0.71
N GLY C 115 -0.35 -21.52 1.20
CA GLY C 115 -0.22 -22.91 1.69
C GLY C 115 -0.05 -23.02 3.20
N MET C 116 -0.30 -21.97 3.98
CA MET C 116 -0.18 -22.10 5.45
C MET C 116 -1.19 -23.18 5.93
N HIS C 117 -0.84 -23.88 7.00
CA HIS C 117 -1.60 -25.03 7.54
C HIS C 117 -2.77 -24.53 8.37
N GLY C 118 -2.62 -23.37 9.00
CA GLY C 118 -3.72 -22.80 9.80
C GLY C 118 -3.54 -21.32 10.05
N ALA C 119 -4.54 -20.72 10.69
CA ALA C 119 -4.61 -19.28 10.98
C ALA C 119 -4.80 -19.10 12.49
N LEU C 120 -4.16 -18.07 13.03
CA LEU C 120 -4.40 -17.59 14.41
C LEU C 120 -5.23 -16.32 14.32
N HIS C 121 -6.36 -16.26 15.04
CA HIS C 121 -7.30 -15.13 14.99
C HIS C 121 -7.60 -14.60 16.39
N ILE C 122 -7.15 -13.38 16.65
CA ILE C 122 -7.47 -12.58 17.85
C ILE C 122 -8.84 -11.92 17.63
N ASN C 123 -9.54 -11.59 18.72
CA ASN C 123 -10.74 -10.72 18.67
C ASN C 123 -10.25 -9.29 18.46
N PRO C 124 -11.10 -8.41 17.89
CA PRO C 124 -10.70 -7.02 17.63
C PRO C 124 -10.22 -6.29 18.90
N TYR C 125 -8.99 -5.79 18.83
CA TYR C 125 -8.27 -5.02 19.88
C TYR C 125 -8.44 -3.54 19.53
N TYR C 126 -8.42 -2.68 20.56
CA TYR C 126 -8.51 -1.20 20.49
C TYR C 126 -9.93 -0.81 20.05
N GLY C 127 -10.32 -1.14 18.82
CA GLY C 127 -11.71 -1.01 18.33
C GLY C 127 -12.56 -2.19 18.79
N LYS C 128 -12.80 -2.31 20.11
CA LYS C 128 -13.56 -3.45 20.68
CA LYS C 128 -13.56 -3.45 20.66
C LYS C 128 -15.03 -3.36 20.20
N THR C 129 -15.73 -4.48 20.21
CA THR C 129 -17.09 -4.56 19.62
C THR C 129 -17.99 -5.35 20.56
N SER C 130 -19.24 -5.49 20.17
CA SER C 130 -20.27 -6.27 20.88
C SER C 130 -19.99 -7.76 20.73
N ILE C 131 -20.59 -8.57 21.59
CA ILE C 131 -20.58 -10.05 21.45
C ILE C 131 -21.07 -10.41 20.04
N GLU C 132 -22.17 -9.81 19.56
CA GLU C 132 -22.70 -10.10 18.20
C GLU C 132 -21.67 -9.69 17.15
N GLY C 133 -21.03 -8.52 17.30
CA GLY C 133 -20.00 -8.07 16.35
C GLY C 133 -18.82 -9.01 16.33
N MET C 134 -18.42 -9.51 17.50
CA MET C 134 -17.24 -10.40 17.64
C MET C 134 -17.54 -11.71 16.92
N ASN C 135 -18.75 -12.24 17.07
CA ASN C 135 -19.12 -13.50 16.37
C ASN C 135 -19.10 -13.24 14.85
N ALA C 136 -19.69 -12.14 14.40
CA ALA C 136 -19.74 -11.73 12.98
C ALA C 136 -18.31 -11.71 12.42
N HIS C 137 -17.37 -11.11 13.16
CA HIS C 137 -15.93 -11.00 12.78
C HIS C 137 -15.36 -12.40 12.50
N PHE C 138 -15.41 -13.28 13.49
CA PHE C 138 -14.82 -14.64 13.41
C PHE C 138 -15.50 -15.47 12.31
N GLN C 139 -16.82 -15.30 12.10
CA GLN C 139 -17.56 -16.10 11.08
C GLN C 139 -17.04 -15.77 9.66
N THR C 140 -16.46 -14.59 9.43
CA THR C 140 -15.95 -14.22 8.09
C THR C 140 -14.67 -15.00 7.76
N VAL C 141 -13.95 -15.53 8.74
CA VAL C 141 -12.63 -16.17 8.49
C VAL C 141 -12.64 -17.65 8.88
N LEU C 142 -13.54 -18.10 9.75
CA LEU C 142 -13.48 -19.47 10.34
C LEU C 142 -13.67 -20.52 9.23
N HIS C 143 -14.43 -20.19 8.17
CA HIS C 143 -14.73 -21.11 7.04
C HIS C 143 -13.49 -21.34 6.17
N MET C 144 -12.46 -20.48 6.25
CA MET C 144 -11.34 -20.50 5.28
C MET C 144 -10.36 -21.64 5.55
N GLY C 145 -10.26 -22.14 6.78
CA GLY C 145 -9.30 -23.22 7.10
C GLY C 145 -9.16 -23.41 8.60
N PRO C 146 -8.27 -24.33 9.04
CA PRO C 146 -8.02 -24.57 10.46
C PRO C 146 -7.63 -23.25 11.15
N THR C 147 -8.30 -22.95 12.25
CA THR C 147 -8.24 -21.67 12.96
C THR C 147 -8.01 -21.90 14.45
N ILE C 148 -7.03 -21.23 15.03
CA ILE C 148 -6.88 -21.11 16.50
C ILE C 148 -7.40 -19.73 16.90
N ILE C 149 -8.31 -19.70 17.85
CA ILE C 149 -8.89 -18.46 18.41
C ILE C 149 -7.99 -18.02 19.57
N TYR C 150 -7.59 -16.75 19.55
CA TYR C 150 -6.59 -16.20 20.49
C TYR C 150 -7.29 -15.27 21.48
N ASN C 151 -7.39 -15.68 22.75
CA ASN C 151 -7.95 -14.84 23.83
C ASN C 151 -6.79 -14.32 24.69
N VAL C 152 -6.55 -13.00 24.66
CA VAL C 152 -5.47 -12.34 25.43
C VAL C 152 -6.02 -10.99 25.90
N PRO C 153 -6.92 -11.01 26.90
CA PRO C 153 -7.59 -9.80 27.36
C PRO C 153 -6.64 -8.73 27.91
N GLY C 154 -5.44 -9.12 28.36
CA GLY C 154 -4.39 -8.20 28.84
C GLY C 154 -3.86 -7.32 27.71
N ARG C 155 -4.05 -7.72 26.44
CA ARG C 155 -3.59 -6.95 25.26
CA ARG C 155 -3.60 -6.93 25.27
C ARG C 155 -4.80 -6.39 24.51
N THR C 156 -5.88 -7.16 24.37
CA THR C 156 -7.06 -6.75 23.56
C THR C 156 -7.97 -5.83 24.37
N CYS C 157 -7.91 -5.91 25.69
CA CYS C 157 -8.84 -5.26 26.66
C CYS C 157 -10.29 -5.74 26.45
N GLN C 158 -10.48 -6.94 25.90
CA GLN C 158 -11.82 -7.56 25.78
C GLN C 158 -11.69 -9.07 25.86
N ASP C 159 -12.26 -9.65 26.90
CA ASP C 159 -12.31 -11.11 27.11
C ASP C 159 -13.18 -11.70 26.00
N ILE C 160 -12.72 -12.76 25.32
CA ILE C 160 -13.64 -13.60 24.51
C ILE C 160 -14.34 -14.52 25.50
N PRO C 161 -15.65 -14.32 25.78
CA PRO C 161 -16.34 -15.13 26.78
C PRO C 161 -16.56 -16.56 26.31
N PRO C 162 -16.70 -17.51 27.26
CA PRO C 162 -17.01 -18.90 26.92
C PRO C 162 -18.14 -19.05 25.89
N GLN C 163 -19.22 -18.28 25.99
CA GLN C 163 -20.40 -18.39 25.08
CA GLN C 163 -20.40 -18.36 25.08
C GLN C 163 -19.92 -18.22 23.62
N VAL C 164 -18.93 -17.36 23.38
CA VAL C 164 -18.40 -17.15 22.00
C VAL C 164 -17.56 -18.35 21.58
N ILE C 165 -16.64 -18.84 22.42
CA ILE C 165 -15.78 -20.02 22.13
C ILE C 165 -16.70 -21.21 21.83
N PHE C 166 -17.73 -21.44 22.66
CA PHE C 166 -18.65 -22.60 22.48
C PHE C 166 -19.36 -22.51 21.13
N LYS C 167 -19.88 -21.34 20.74
CA LYS C 167 -20.53 -21.16 19.42
C LYS C 167 -19.50 -21.42 18.31
N LEU C 168 -18.30 -20.84 18.41
CA LEU C 168 -17.25 -21.04 17.37
C LEU C 168 -16.90 -22.53 17.28
N SER C 169 -16.88 -23.26 18.41
CA SER C 169 -16.48 -24.69 18.50
C SER C 169 -17.38 -25.58 17.64
N GLN C 170 -18.59 -25.13 17.32
CA GLN C 170 -19.57 -25.87 16.49
C GLN C 170 -19.05 -25.97 15.05
N ASN C 171 -18.11 -25.11 14.65
CA ASN C 171 -17.47 -25.18 13.32
C ASN C 171 -16.27 -26.13 13.39
N PRO C 172 -16.19 -27.17 12.53
CA PRO C 172 -15.08 -28.12 12.55
C PRO C 172 -13.71 -27.48 12.31
N ASN C 173 -13.67 -26.31 11.66
CA ASN C 173 -12.40 -25.58 11.35
C ASN C 173 -11.82 -24.94 12.62
N MET C 174 -12.61 -24.78 13.70
CA MET C 174 -12.06 -24.22 14.96
C MET C 174 -11.18 -25.30 15.62
N ALA C 175 -9.87 -25.19 15.47
CA ALA C 175 -8.92 -26.22 15.98
C ALA C 175 -8.95 -26.18 17.50
N GLY C 176 -8.92 -24.98 18.06
CA GLY C 176 -8.80 -24.80 19.51
C GLY C 176 -8.54 -23.35 19.85
N VAL C 177 -8.18 -23.13 21.11
CA VAL C 177 -8.03 -21.79 21.70
C VAL C 177 -6.59 -21.64 22.19
N LYS C 178 -5.96 -20.51 21.88
CA LYS C 178 -4.77 -20.01 22.59
C LYS C 178 -5.32 -19.15 23.72
N GLU C 179 -5.30 -19.66 24.94
CA GLU C 179 -5.98 -19.04 26.10
C GLU C 179 -4.92 -18.43 27.03
N CYS C 180 -5.12 -17.16 27.41
CA CYS C 180 -4.22 -16.42 28.33
C CYS C 180 -4.92 -16.03 29.63
N VAL C 181 -6.23 -16.24 29.79
CA VAL C 181 -6.92 -15.85 31.05
C VAL C 181 -6.37 -16.64 32.25
N GLY C 182 -6.00 -17.91 32.08
CA GLY C 182 -5.46 -18.72 33.19
C GLY C 182 -6.00 -20.14 33.17
N ASN C 183 -5.52 -20.98 34.09
CA ASN C 183 -5.73 -22.45 34.03
CA ASN C 183 -5.73 -22.45 34.03
C ASN C 183 -7.20 -22.79 34.34
N ASN C 184 -7.91 -21.95 35.12
CA ASN C 184 -9.37 -22.17 35.35
C ASN C 184 -10.13 -22.06 34.02
N ARG C 185 -9.79 -21.07 33.18
CA ARG C 185 -10.48 -20.88 31.88
C ARG C 185 -10.07 -22.02 30.96
N VAL C 186 -8.80 -22.42 31.02
CA VAL C 186 -8.27 -23.56 30.21
C VAL C 186 -9.16 -24.78 30.51
N GLU C 187 -9.34 -25.11 31.80
CA GLU C 187 -10.10 -26.31 32.24
C GLU C 187 -11.57 -26.22 31.81
N GLU C 188 -12.18 -25.04 31.90
CA GLU C 188 -13.57 -24.82 31.44
C GLU C 188 -13.74 -25.34 30.01
N TYR C 189 -12.73 -25.18 29.15
CA TYR C 189 -12.77 -25.63 27.73
C TYR C 189 -12.34 -27.10 27.60
N THR C 190 -11.23 -27.50 28.21
CA THR C 190 -10.62 -28.84 27.97
C THR C 190 -11.56 -29.92 28.52
N GLU C 191 -12.28 -29.64 29.61
CA GLU C 191 -13.23 -30.61 30.23
C GLU C 191 -14.47 -30.77 29.32
N LYS C 192 -14.62 -29.94 28.29
CA LYS C 192 -15.73 -30.03 27.30
C LYS C 192 -15.19 -30.49 25.95
N GLY C 193 -13.94 -30.95 25.87
CA GLY C 193 -13.35 -31.53 24.64
C GLY C 193 -12.80 -30.47 23.68
N ILE C 194 -12.75 -29.19 24.05
CA ILE C 194 -12.13 -28.12 23.21
C ILE C 194 -10.61 -28.17 23.42
N VAL C 195 -9.82 -28.21 22.34
CA VAL C 195 -8.33 -28.20 22.44
C VAL C 195 -7.91 -26.79 22.92
N VAL C 196 -6.99 -26.75 23.88
CA VAL C 196 -6.45 -25.48 24.42
C VAL C 196 -4.92 -25.58 24.43
N TRP C 197 -4.28 -24.54 23.88
CA TRP C 197 -2.86 -24.24 24.16
C TRP C 197 -2.81 -23.09 25.15
N SER C 198 -2.02 -23.23 26.21
CA SER C 198 -1.71 -22.09 27.09
C SER C 198 -0.91 -21.07 26.29
N GLY C 199 -1.27 -19.80 26.40
CA GLY C 199 -0.46 -18.68 25.89
C GLY C 199 0.45 -18.09 26.95
N ASN C 200 0.50 -18.69 28.15
CA ASN C 200 1.27 -18.17 29.32
C ASN C 200 2.39 -19.15 29.68
N ASP C 201 3.62 -18.85 29.30
CA ASP C 201 4.78 -19.75 29.53
C ASP C 201 4.86 -20.17 31.02
N ASP C 202 4.55 -19.29 31.97
CA ASP C 202 4.77 -19.59 33.41
C ASP C 202 3.58 -20.38 33.97
N GLN C 203 2.55 -20.63 33.17
CA GLN C 203 1.39 -21.48 33.57
C GLN C 203 1.32 -22.77 32.75
N CYS C 204 2.11 -22.92 31.68
CA CYS C 204 1.85 -23.98 30.66
C CYS C 204 2.13 -25.38 31.22
N HIS C 205 3.10 -25.55 32.12
CA HIS C 205 3.41 -26.84 32.78
C HIS C 205 2.16 -27.33 33.51
N ASP C 206 1.63 -26.52 34.44
CA ASP C 206 0.43 -26.87 35.23
C ASP C 206 -0.79 -26.98 34.31
N SER C 207 -0.88 -26.14 33.29
CA SER C 207 -1.97 -26.18 32.30
C SER C 207 -1.99 -27.56 31.64
N ARG C 208 -0.82 -28.02 31.19
CA ARG C 208 -0.60 -29.28 30.44
C ARG C 208 -0.90 -30.50 31.34
N TRP C 209 -0.42 -30.52 32.59
CA TRP C 209 -0.44 -31.75 33.43
C TRP C 209 -1.63 -31.80 34.39
N ASP C 210 -2.21 -30.64 34.73
CA ASP C 210 -3.28 -30.55 35.76
C ASP C 210 -4.59 -30.06 35.15
N HIS C 211 -4.61 -29.44 33.94
CA HIS C 211 -5.85 -28.77 33.44
C HIS C 211 -6.16 -29.15 31.99
N GLY C 212 -5.56 -30.22 31.47
CA GLY C 212 -5.92 -30.84 30.17
C GLY C 212 -5.54 -30.01 28.96
N ALA C 213 -4.62 -29.04 29.08
CA ALA C 213 -4.11 -28.30 27.91
C ALA C 213 -3.33 -29.30 27.04
N THR C 214 -3.48 -29.19 25.72
CA THR C 214 -2.71 -30.00 24.75
C THR C 214 -1.25 -29.58 24.78
N GLY C 215 -0.98 -28.29 24.98
CA GLY C 215 0.40 -27.80 25.01
C GLY C 215 0.48 -26.30 25.14
N VAL C 216 1.49 -25.71 24.51
CA VAL C 216 1.80 -24.27 24.66
C VAL C 216 2.04 -23.65 23.28
N ILE C 217 1.61 -22.40 23.13
CA ILE C 217 2.10 -21.50 22.06
C ILE C 217 3.03 -20.52 22.78
N SER C 218 4.33 -20.72 22.61
CA SER C 218 5.38 -20.31 23.58
C SER C 218 6.24 -19.16 23.04
N VAL C 219 6.61 -18.24 23.92
CA VAL C 219 7.70 -17.25 23.70
C VAL C 219 9.03 -17.91 24.08
N THR C 220 9.06 -18.56 25.25
CA THR C 220 10.29 -19.09 25.91
C THR C 220 10.96 -20.14 25.00
N SER C 221 10.19 -20.83 24.17
CA SER C 221 10.74 -21.84 23.21
C SER C 221 11.71 -21.18 22.22
N ASN C 222 11.60 -19.87 22.00
CA ASN C 222 12.59 -19.11 21.18
C ASN C 222 13.99 -19.23 21.77
N LEU C 223 14.12 -19.38 23.09
CA LEU C 223 15.45 -19.42 23.76
C LEU C 223 15.85 -20.86 24.07
N VAL C 224 14.94 -21.66 24.61
CA VAL C 224 15.24 -23.03 25.16
C VAL C 224 14.21 -24.01 24.60
N PRO C 225 14.20 -24.26 23.27
CA PRO C 225 13.17 -25.10 22.66
C PRO C 225 13.17 -26.53 23.21
N GLY C 226 14.36 -27.09 23.45
CA GLY C 226 14.54 -28.45 24.01
C GLY C 226 13.87 -28.60 25.36
N LEU C 227 14.09 -27.64 26.26
CA LEU C 227 13.52 -27.65 27.62
C LEU C 227 12.00 -27.48 27.54
N MET C 228 11.48 -26.64 26.65
CA MET C 228 10.00 -26.49 26.52
C MET C 228 9.40 -27.78 25.94
N ARG C 229 10.11 -28.45 25.03
CA ARG C 229 9.61 -29.74 24.48
C ARG C 229 9.53 -30.76 25.62
N LYS C 230 10.60 -30.88 26.38
CA LYS C 230 10.66 -31.78 27.56
C LYS C 230 9.46 -31.47 28.47
N LEU C 231 9.21 -30.19 28.71
CA LEU C 231 8.17 -29.74 29.65
C LEU C 231 6.79 -30.22 29.18
N MET C 232 6.56 -30.27 27.86
CA MET C 232 5.23 -30.57 27.29
C MET C 232 5.05 -32.07 27.00
N PHE C 233 6.12 -32.86 26.90
CA PHE C 233 6.08 -34.27 26.44
C PHE C 233 6.42 -35.29 27.54
N GLU C 234 7.42 -35.04 28.39
CA GLU C 234 8.05 -36.10 29.23
C GLU C 234 7.37 -36.23 30.60
N GLY C 235 6.19 -35.62 30.79
CA GLY C 235 5.39 -35.72 32.01
C GLY C 235 5.67 -34.60 33.01
N ARG C 236 4.83 -34.51 34.02
CA ARG C 236 5.01 -33.68 35.25
C ARG C 236 6.50 -33.54 35.57
N ASN C 237 7.01 -32.31 35.75
CA ASN C 237 8.40 -32.08 36.20
C ASN C 237 8.47 -30.71 36.88
N SER C 238 8.00 -30.63 38.12
CA SER C 238 7.97 -29.39 38.93
C SER C 238 9.38 -28.81 39.07
N ALA C 239 10.42 -29.66 39.11
CA ALA C 239 11.84 -29.24 39.23
C ALA C 239 12.24 -28.44 37.98
N LEU C 240 11.99 -28.98 36.79
CA LEU C 240 12.31 -28.29 35.51
C LEU C 240 11.50 -26.99 35.42
N ASN C 241 10.21 -27.03 35.70
CA ASN C 241 9.33 -25.84 35.68
C ASN C 241 9.91 -24.76 36.60
N ALA C 242 10.37 -25.14 37.80
CA ALA C 242 10.90 -24.17 38.79
C ALA C 242 12.24 -23.61 38.30
N LYS C 243 13.00 -24.42 37.58
CA LYS C 243 14.32 -24.07 36.98
C LYS C 243 14.15 -23.00 35.89
N LEU C 244 13.01 -23.02 35.17
CA LEU C 244 12.74 -22.10 34.03
C LEU C 244 12.11 -20.80 34.55
N LEU C 245 11.57 -20.78 35.77
CA LEU C 245 10.74 -19.64 36.24
C LEU C 245 11.56 -18.34 36.25
N PRO C 246 12.84 -18.30 36.70
CA PRO C 246 13.62 -17.06 36.67
C PRO C 246 13.80 -16.49 35.25
N LEU C 247 13.94 -17.36 34.25
CA LEU C 247 14.09 -16.96 32.83
C LEU C 247 12.74 -16.40 32.35
N MET C 248 11.65 -17.08 32.69
CA MET C 248 10.30 -16.64 32.29
C MET C 248 9.96 -15.30 32.96
N ASP C 249 10.34 -15.11 34.22
CA ASP C 249 10.10 -13.82 34.92
C ASP C 249 10.87 -12.71 34.18
N TRP C 250 12.13 -12.96 33.84
CA TRP C 250 13.00 -12.01 33.09
C TRP C 250 12.37 -11.65 31.75
N LEU C 251 11.85 -12.64 31.00
CA LEU C 251 11.32 -12.43 29.63
C LEU C 251 10.06 -11.55 29.66
N PHE C 252 9.32 -11.49 30.77
CA PHE C 252 8.00 -10.81 30.83
C PHE C 252 8.04 -9.63 31.81
N GLN C 253 9.21 -9.16 32.20
CA GLN C 253 9.32 -7.98 33.11
C GLN C 253 8.91 -6.72 32.34
N GLU C 254 9.23 -6.63 31.05
CA GLU C 254 8.59 -5.62 30.15
C GLU C 254 7.71 -6.38 29.17
N PRO C 255 6.76 -5.71 28.48
CA PRO C 255 5.90 -6.42 27.54
C PRO C 255 6.71 -7.16 26.45
N ASN C 256 6.38 -8.45 26.28
CA ASN C 256 6.80 -9.27 25.13
C ASN C 256 6.51 -8.48 23.85
N PRO C 257 7.39 -8.44 22.81
CA PRO C 257 8.66 -9.17 22.79
C PRO C 257 9.97 -8.45 23.18
N ILE C 258 9.93 -7.46 24.08
CA ILE C 258 11.15 -6.74 24.52
C ILE C 258 12.17 -7.73 25.09
N GLY C 259 11.75 -8.64 25.97
CA GLY C 259 12.66 -9.63 26.58
C GLY C 259 13.30 -10.52 25.53
N VAL C 260 12.48 -11.20 24.74
CA VAL C 260 12.99 -12.19 23.74
C VAL C 260 13.90 -11.49 22.72
N ASN C 261 13.57 -10.27 22.29
CA ASN C 261 14.39 -9.50 21.32
C ASN C 261 15.78 -9.23 21.95
N THR C 262 15.82 -8.80 23.21
CA THR C 262 17.09 -8.53 23.93
C THR C 262 17.91 -9.84 24.05
N ALA C 263 17.27 -10.91 24.50
CA ALA C 263 17.93 -12.22 24.75
C ALA C 263 18.51 -12.79 23.45
N LEU C 264 17.76 -12.75 22.35
CA LEU C 264 18.24 -13.35 21.08
C LEU C 264 19.43 -12.55 20.55
N ALA C 265 19.48 -11.22 20.81
CA ALA C 265 20.66 -10.39 20.48
C ALA C 265 21.83 -10.81 21.38
N GLN C 266 21.59 -10.97 22.68
CA GLN C 266 22.67 -11.38 23.64
C GLN C 266 23.24 -12.75 23.25
N LEU C 267 22.40 -13.68 22.77
CA LEU C 267 22.84 -15.05 22.38
C LEU C 267 23.48 -15.07 20.99
N GLY C 268 23.42 -13.95 20.26
CA GLY C 268 24.03 -13.78 18.93
C GLY C 268 23.28 -14.47 17.79
N VAL C 269 21.97 -14.73 17.91
CA VAL C 269 21.20 -15.39 16.82
C VAL C 269 20.27 -14.38 16.12
N ALA C 270 20.09 -13.19 16.70
CA ALA C 270 19.46 -12.04 16.03
C ALA C 270 20.36 -10.83 16.22
N ARG C 271 20.37 -9.95 15.23
CA ARG C 271 21.06 -8.66 15.35
C ARG C 271 20.30 -7.82 16.37
N PRO C 272 21.02 -6.92 17.08
CA PRO C 272 20.41 -6.04 18.09
C PRO C 272 19.70 -4.84 17.44
N VAL C 273 18.74 -5.16 16.57
CA VAL C 273 17.95 -4.17 15.79
C VAL C 273 16.50 -4.30 16.26
N PHE C 274 15.95 -3.20 16.75
CA PHE C 274 14.54 -3.10 17.21
C PHE C 274 13.75 -2.22 16.23
N ARG C 275 12.57 -2.70 15.84
CA ARG C 275 11.53 -1.84 15.22
C ARG C 275 10.81 -1.15 16.37
N LEU C 276 10.76 0.17 16.33
CA LEU C 276 9.99 0.94 17.35
C LEU C 276 8.52 0.51 17.22
N PRO C 277 7.70 0.48 18.30
CA PRO C 277 7.99 1.14 19.57
C PRO C 277 8.69 0.32 20.66
N TYR C 278 9.35 -0.77 20.27
CA TYR C 278 10.10 -1.64 21.22
C TYR C 278 11.55 -1.14 21.30
N VAL C 279 12.06 -1.18 22.53
CA VAL C 279 13.46 -0.83 22.87
C VAL C 279 13.95 -1.91 23.82
N PRO C 280 15.27 -2.20 23.83
CA PRO C 280 15.79 -3.30 24.65
C PRO C 280 15.70 -3.07 26.16
N LEU C 281 15.72 -4.16 26.91
CA LEU C 281 15.98 -4.09 28.37
C LEU C 281 17.33 -3.43 28.60
N PRO C 282 17.48 -2.66 29.70
CA PRO C 282 18.72 -1.96 29.99
C PRO C 282 19.85 -2.89 30.47
N LEU C 283 21.04 -2.31 30.56
CA LEU C 283 22.31 -3.02 30.86
C LEU C 283 22.14 -3.87 32.13
N SER C 284 21.46 -3.36 33.17
CA SER C 284 21.26 -4.09 34.44
C SER C 284 20.56 -5.44 34.18
N LYS C 285 19.58 -5.47 33.27
CA LYS C 285 18.83 -6.69 32.93
C LYS C 285 19.66 -7.58 32.02
N ARG C 286 20.47 -7.00 31.14
CA ARG C 286 21.33 -7.79 30.21
C ARG C 286 22.41 -8.53 31.02
N ILE C 287 22.94 -7.89 32.06
CA ILE C 287 23.89 -8.55 33.00
C ILE C 287 23.16 -9.68 33.74
N GLU C 288 21.93 -9.48 34.23
CA GLU C 288 21.13 -10.57 34.87
C GLU C 288 20.99 -11.74 33.88
N PHE C 289 20.73 -11.45 32.60
CA PHE C 289 20.50 -12.51 31.58
C PHE C 289 21.74 -13.40 31.45
N VAL C 290 22.94 -12.82 31.48
CA VAL C 290 24.21 -13.61 31.39
C VAL C 290 24.23 -14.61 32.55
N LYS C 291 23.81 -14.18 33.74
CA LYS C 291 23.78 -15.01 34.98
C LYS C 291 22.71 -16.11 34.85
N LEU C 292 21.53 -15.80 34.29
CA LEU C 292 20.43 -16.79 34.08
C LEU C 292 20.91 -17.89 33.13
N VAL C 293 21.66 -17.53 32.08
CA VAL C 293 22.17 -18.49 31.07
C VAL C 293 23.19 -19.41 31.76
N LYS C 294 24.08 -18.85 32.57
CA LYS C 294 25.11 -19.64 33.28
C LYS C 294 24.41 -20.63 34.23
N GLU C 295 23.31 -20.25 34.89
CA GLU C 295 22.61 -21.10 35.90
CA GLU C 295 22.61 -21.10 35.90
C GLU C 295 21.90 -22.25 35.19
N ILE C 296 21.24 -22.00 34.06
CA ILE C 296 20.53 -23.06 33.30
C ILE C 296 21.57 -23.87 32.52
N GLY C 297 22.57 -23.20 31.96
CA GLY C 297 23.60 -23.80 31.09
C GLY C 297 23.41 -23.37 29.64
N ARG C 298 24.47 -22.80 29.05
CA ARG C 298 24.49 -22.19 27.69
C ARG C 298 24.03 -23.21 26.65
N GLU C 299 24.34 -24.49 26.87
CA GLU C 299 24.06 -25.58 25.89
C GLU C 299 22.55 -25.69 25.63
N HIS C 300 21.69 -25.26 26.55
CA HIS C 300 20.20 -25.39 26.43
C HIS C 300 19.64 -24.24 25.60
N PHE C 301 20.40 -23.18 25.42
CA PHE C 301 19.94 -21.96 24.71
C PHE C 301 20.33 -22.08 23.25
N VAL C 302 19.51 -21.49 22.37
CA VAL C 302 19.76 -21.45 20.91
C VAL C 302 21.11 -20.75 20.67
N GLY C 303 21.76 -21.12 19.55
CA GLY C 303 23.03 -20.57 19.06
C GLY C 303 24.25 -21.20 19.70
N ASP C 304 25.43 -20.94 19.15
CA ASP C 304 26.74 -21.47 19.64
C ASP C 304 27.63 -20.35 20.18
N ARG C 305 27.32 -19.07 19.94
CA ARG C 305 28.22 -17.98 20.39
C ARG C 305 28.10 -17.82 21.91
N ASP C 306 29.21 -17.47 22.55
CA ASP C 306 29.23 -17.01 23.97
C ASP C 306 28.18 -15.90 24.13
N VAL C 307 27.32 -16.00 25.13
CA VAL C 307 26.36 -14.92 25.49
C VAL C 307 27.16 -13.65 25.83
N GLN C 308 26.72 -12.51 25.29
CA GLN C 308 27.32 -11.17 25.54
C GLN C 308 26.30 -10.29 26.27
N VAL C 309 26.80 -9.30 27.01
CA VAL C 309 25.98 -8.23 27.66
C VAL C 309 25.48 -7.25 26.57
N LEU C 310 26.38 -6.88 25.65
CA LEU C 310 26.22 -5.84 24.60
C LEU C 310 26.21 -4.46 25.25
N ASP C 311 26.74 -3.49 24.53
CA ASP C 311 26.70 -2.06 24.93
C ASP C 311 25.33 -1.50 24.54
N ASP C 312 24.87 -0.47 25.25
CA ASP C 312 23.67 0.29 24.81
C ASP C 312 23.81 0.67 23.33
N ASP C 313 25.01 1.01 22.86
CA ASP C 313 25.19 1.59 21.50
C ASP C 313 25.18 0.48 20.45
N ASP C 314 25.20 -0.81 20.83
CA ASP C 314 25.00 -1.94 19.88
C ASP C 314 23.55 -1.97 19.36
N PHE C 315 22.60 -1.44 20.13
CA PHE C 315 21.16 -1.52 19.83
C PHE C 315 20.77 -0.37 18.91
N ILE C 316 20.17 -0.75 17.79
CA ILE C 316 19.71 0.17 16.72
C ILE C 316 18.18 0.22 16.81
N LEU C 317 17.63 1.42 17.01
CA LEU C 317 16.16 1.64 17.10
C LEU C 317 15.69 2.26 15.78
N ILE C 318 14.80 1.57 15.05
CA ILE C 318 14.34 2.03 13.72
C ILE C 318 12.88 2.46 13.83
N GLY C 319 12.57 3.68 13.41
CA GLY C 319 11.20 4.17 13.19
C GLY C 319 10.76 4.03 11.74
N ARG C 320 11.62 4.38 10.77
CA ARG C 320 11.30 4.34 9.32
C ARG C 320 11.70 2.97 8.74
N TYR C 321 10.97 1.92 9.11
CA TYR C 321 11.19 0.53 8.63
C TYR C 321 10.15 0.24 7.54
N ASP D 10 7.93 30.58 16.89
CA ASP D 10 6.82 31.57 17.14
C ASP D 10 5.53 31.06 16.45
N LYS D 11 5.63 30.62 15.20
CA LYS D 11 4.48 30.06 14.43
C LYS D 11 4.03 28.75 15.09
N ASN D 12 4.99 27.95 15.57
CA ASN D 12 4.75 26.65 16.24
C ASN D 12 4.04 26.88 17.58
N ARG D 13 4.49 27.87 18.37
CA ARG D 13 3.83 28.26 19.65
C ARG D 13 2.38 28.67 19.34
N THR D 14 2.16 29.48 18.29
CA THR D 14 0.80 29.93 17.88
C THR D 14 -0.04 28.75 17.41
N ASN D 15 0.52 27.86 16.57
CA ASN D 15 -0.21 26.68 16.05
C ASN D 15 -0.66 25.82 17.24
N THR D 16 0.22 25.60 18.23
CA THR D 16 -0.10 24.76 19.41
C THR D 16 -1.18 25.45 20.25
N ASP D 17 -1.04 26.75 20.48
CA ASP D 17 -2.01 27.51 21.29
C ASP D 17 -3.39 27.51 20.60
N ASP D 18 -3.43 27.46 19.26
CA ASP D 18 -4.68 27.40 18.47
C ASP D 18 -5.44 26.09 18.76
N ILE D 19 -4.74 24.98 19.04
CA ILE D 19 -5.38 23.71 19.48
C ILE D 19 -5.76 23.85 20.95
N ARG D 20 -4.87 24.39 21.79
CA ARG D 20 -5.09 24.47 23.25
C ARG D 20 -6.35 25.27 23.59
N SER D 21 -6.78 26.21 22.74
CA SER D 21 -7.93 27.10 23.07
C SER D 21 -9.28 26.42 22.77
N LEU D 22 -9.29 25.28 22.07
CA LEU D 22 -10.55 24.61 21.62
C LEU D 22 -11.25 23.92 22.80
N ARG D 23 -12.55 24.15 23.00
CA ARG D 23 -13.30 23.51 24.11
C ARG D 23 -14.17 22.36 23.60
N VAL D 24 -14.69 22.45 22.38
CA VAL D 24 -15.59 21.40 21.83
C VAL D 24 -14.93 20.86 20.57
N ILE D 25 -14.42 19.65 20.69
CA ILE D 25 -13.84 18.90 19.55
C ILE D 25 -14.71 17.67 19.34
N THR D 26 -15.24 17.50 18.14
CA THR D 26 -16.13 16.37 17.81
C THR D 26 -15.29 15.26 17.20
N ALA D 27 -15.39 14.06 17.76
CA ALA D 27 -14.84 12.82 17.17
C ALA D 27 -15.86 12.37 16.12
N ILE D 28 -15.73 12.90 14.91
CA ILE D 28 -16.82 12.84 13.88
C ILE D 28 -16.96 11.41 13.37
N LYS D 29 -18.21 10.96 13.24
CA LYS D 29 -18.56 9.65 12.65
C LYS D 29 -18.22 9.69 11.17
N THR D 30 -17.71 8.58 10.61
CA THR D 30 -17.44 8.45 9.15
C THR D 30 -18.58 7.67 8.51
N PRO D 31 -19.44 8.30 7.67
CA PRO D 31 -20.58 7.61 7.08
C PRO D 31 -20.20 6.89 5.77
N TYR D 32 -20.94 5.84 5.42
CA TYR D 32 -20.60 4.93 4.30
C TYR D 32 -21.74 4.90 3.28
N LEU D 33 -21.36 4.65 2.02
CA LEU D 33 -22.28 4.27 0.91
C LEU D 33 -22.70 2.82 1.10
N PRO D 34 -23.73 2.33 0.39
CA PRO D 34 -24.18 0.95 0.56
C PRO D 34 -23.10 -0.13 0.31
N ASP D 35 -22.06 0.17 -0.47
CA ASP D 35 -20.98 -0.80 -0.76
C ASP D 35 -19.83 -0.69 0.27
N GLY D 36 -19.91 0.19 1.25
CA GLY D 36 -18.86 0.31 2.29
C GLY D 36 -17.87 1.46 2.08
N ARG D 37 -17.84 2.07 0.89
CA ARG D 37 -16.95 3.22 0.63
C ARG D 37 -17.47 4.43 1.43
N PHE D 38 -16.62 5.43 1.62
CA PHE D 38 -16.97 6.66 2.36
C PHE D 38 -18.10 7.37 1.61
N ASP D 39 -19.11 7.85 2.33
CA ASP D 39 -20.15 8.76 1.81
C ASP D 39 -19.70 10.20 2.07
N LEU D 40 -18.97 10.80 1.13
CA LEU D 40 -18.33 12.12 1.34
C LEU D 40 -19.42 13.21 1.39
N GLN D 41 -20.52 13.03 0.64
CA GLN D 41 -21.66 13.99 0.70
CA GLN D 41 -21.70 13.93 0.68
C GLN D 41 -22.22 14.01 2.13
N ALA D 42 -22.48 12.83 2.72
CA ALA D 42 -23.02 12.67 4.08
C ALA D 42 -22.01 13.24 5.10
N TYR D 43 -20.73 12.95 4.92
CA TYR D 43 -19.63 13.42 5.80
C TYR D 43 -19.60 14.96 5.81
N ASP D 44 -19.59 15.59 4.65
CA ASP D 44 -19.56 17.06 4.46
C ASP D 44 -20.77 17.68 5.17
N ASP D 45 -21.94 17.06 5.07
CA ASP D 45 -23.16 17.55 5.77
C ASP D 45 -22.95 17.46 7.29
N LEU D 46 -22.36 16.36 7.79
CA LEU D 46 -22.11 16.17 9.25
C LEU D 46 -21.15 17.26 9.74
N VAL D 47 -20.05 17.50 9.03
CA VAL D 47 -19.05 18.52 9.44
C VAL D 47 -19.73 19.89 9.44
N ASN D 48 -20.44 20.23 8.36
CA ASN D 48 -21.18 21.53 8.27
C ASN D 48 -22.10 21.73 9.48
N THR D 49 -22.82 20.69 9.89
CA THR D 49 -23.77 20.75 11.03
C THR D 49 -22.99 21.02 12.31
N GLN D 50 -21.83 20.38 12.49
CA GLN D 50 -20.95 20.63 13.66
C GLN D 50 -20.51 22.10 13.66
N ILE D 51 -20.06 22.61 12.52
CA ILE D 51 -19.58 24.03 12.46
C ILE D 51 -20.72 24.97 12.82
N GLU D 52 -21.90 24.73 12.25
CA GLU D 52 -23.08 25.62 12.45
C GLU D 52 -23.53 25.59 13.92
N ASN D 53 -23.26 24.52 14.67
CA ASN D 53 -23.70 24.37 16.09
C ASN D 53 -22.54 24.58 17.08
N GLY D 54 -21.40 25.10 16.63
CA GLY D 54 -20.33 25.60 17.51
C GLY D 54 -19.23 24.59 17.86
N ALA D 55 -19.11 23.46 17.15
CA ALA D 55 -17.91 22.60 17.25
C ALA D 55 -16.71 23.44 16.77
N GLU D 56 -15.59 23.40 17.49
CA GLU D 56 -14.42 24.25 17.16
C GLU D 56 -13.31 23.41 16.53
N GLY D 57 -13.40 22.10 16.71
CA GLY D 57 -12.41 21.16 16.16
C GLY D 57 -13.08 19.85 15.80
N VAL D 58 -12.43 19.09 14.94
CA VAL D 58 -12.90 17.74 14.56
C VAL D 58 -11.68 16.82 14.60
N ILE D 59 -11.83 15.65 15.21
CA ILE D 59 -10.90 14.51 15.01
C ILE D 59 -11.33 13.76 13.74
N VAL D 60 -10.41 13.54 12.81
CA VAL D 60 -10.71 12.78 11.57
C VAL D 60 -10.19 11.36 11.73
N GLY D 61 -11.09 10.39 11.64
CA GLY D 61 -10.81 8.96 11.79
C GLY D 61 -10.28 8.64 13.18
N GLY D 62 -10.88 9.22 14.22
CA GLY D 62 -10.70 8.75 15.61
C GLY D 62 -11.36 7.40 15.82
N THR D 63 -11.42 6.94 17.07
CA THR D 63 -12.14 5.69 17.44
C THR D 63 -13.59 5.76 16.93
N THR D 64 -14.26 6.89 17.19
CA THR D 64 -15.65 7.14 16.77
C THR D 64 -15.76 7.16 15.24
N GLY D 65 -14.74 7.71 14.57
CA GLY D 65 -14.65 7.81 13.11
C GLY D 65 -14.18 6.52 12.44
N GLU D 66 -13.96 5.46 13.20
CA GLU D 66 -13.54 4.13 12.68
C GLU D 66 -12.23 4.24 11.90
N GLY D 67 -11.29 5.06 12.37
CA GLY D 67 -9.94 5.07 11.74
C GLY D 67 -9.35 3.68 11.74
N GLN D 68 -9.66 2.89 12.77
CA GLN D 68 -9.20 1.49 12.93
C GLN D 68 -9.65 0.63 11.75
N LEU D 69 -10.72 0.98 11.02
CA LEU D 69 -11.21 0.13 9.90
C LEU D 69 -10.83 0.73 8.54
N MET D 70 -10.08 1.83 8.54
CA MET D 70 -9.72 2.53 7.28
C MET D 70 -8.42 1.95 6.77
N SER D 71 -8.26 1.92 5.45
CA SER D 71 -6.93 1.84 4.82
C SER D 71 -6.29 3.21 4.97
N TRP D 72 -4.97 3.28 4.95
CA TRP D 72 -4.26 4.58 5.08
C TRP D 72 -4.63 5.50 3.92
N ASP D 73 -4.86 5.00 2.70
CA ASP D 73 -5.15 5.95 1.58
C ASP D 73 -6.51 6.62 1.84
N GLU D 74 -7.50 5.88 2.34
CA GLU D 74 -8.83 6.41 2.76
C GLU D 74 -8.63 7.44 3.88
N HIS D 75 -7.82 7.09 4.86
CA HIS D 75 -7.65 7.90 6.10
C HIS D 75 -6.98 9.24 5.73
N ILE D 76 -5.86 9.20 5.01
CA ILE D 76 -5.13 10.42 4.58
C ILE D 76 -6.04 11.27 3.68
N MET D 77 -6.76 10.64 2.74
CA MET D 77 -7.69 11.37 1.84
CA MET D 77 -7.68 11.38 1.85
C MET D 77 -8.70 12.14 2.70
N LEU D 78 -9.29 11.48 3.68
CA LEU D 78 -10.36 12.11 4.51
C LEU D 78 -9.78 13.30 5.28
N ILE D 79 -8.55 13.20 5.80
CA ILE D 79 -7.86 14.32 6.46
C ILE D 79 -7.67 15.46 5.45
N GLY D 80 -7.08 15.20 4.30
CA GLY D 80 -6.80 16.24 3.29
C GLY D 80 -8.08 16.89 2.80
N HIS D 81 -9.13 16.09 2.62
CA HIS D 81 -10.47 16.55 2.16
C HIS D 81 -11.05 17.48 3.22
N THR D 82 -10.88 17.14 4.50
CA THR D 82 -11.48 17.90 5.61
C THR D 82 -10.75 19.25 5.70
N VAL D 83 -9.43 19.25 5.56
CA VAL D 83 -8.62 20.49 5.55
C VAL D 83 -9.05 21.36 4.37
N ASN D 84 -9.11 20.80 3.17
CA ASN D 84 -9.44 21.55 1.95
C ASN D 84 -10.83 22.19 2.05
N CYS D 85 -11.83 21.46 2.52
CA CYS D 85 -13.24 21.92 2.48
C CYS D 85 -13.59 22.74 3.72
N PHE D 86 -12.96 22.49 4.88
CA PHE D 86 -13.45 23.02 6.17
C PHE D 86 -12.35 23.71 6.99
N GLY D 87 -11.08 23.66 6.57
CA GLY D 87 -9.92 24.02 7.40
C GLY D 87 -9.90 25.49 7.82
N GLY D 88 -10.60 26.35 7.08
CA GLY D 88 -10.74 27.77 7.44
C GLY D 88 -11.87 28.02 8.43
N ARG D 89 -12.73 27.02 8.69
CA ARG D 89 -13.96 27.20 9.49
CA ARG D 89 -13.96 27.21 9.50
C ARG D 89 -13.93 26.33 10.75
N ILE D 90 -12.98 25.40 10.85
CA ILE D 90 -12.84 24.48 12.01
C ILE D 90 -11.41 23.97 12.06
N LYS D 91 -10.90 23.63 13.25
CA LYS D 91 -9.55 23.01 13.38
C LYS D 91 -9.68 21.53 13.06
N VAL D 92 -8.79 21.04 12.20
CA VAL D 92 -8.81 19.65 11.71
C VAL D 92 -7.64 18.93 12.36
N ILE D 93 -7.97 17.98 13.23
CA ILE D 93 -6.99 17.14 13.96
C ILE D 93 -7.06 15.74 13.36
N GLY D 94 -6.00 15.31 12.69
CA GLY D 94 -5.94 13.95 12.12
C GLY D 94 -5.59 12.94 13.18
N ASN D 95 -6.33 11.83 13.25
CA ASN D 95 -5.94 10.69 14.11
C ASN D 95 -4.92 9.88 13.31
N THR D 96 -3.64 10.27 13.40
CA THR D 96 -2.53 9.66 12.61
C THR D 96 -1.71 8.74 13.51
N GLY D 97 -2.28 8.40 14.68
CA GLY D 97 -1.65 7.46 15.63
C GLY D 97 -1.72 6.03 15.15
N SER D 98 -0.87 5.20 15.72
CA SER D 98 -0.75 3.76 15.38
C SER D 98 -0.01 3.04 16.49
N ASN D 99 -0.21 1.73 16.58
CA ASN D 99 0.63 0.84 17.41
C ASN D 99 1.98 0.60 16.74
N SER D 100 2.10 0.95 15.46
CA SER D 100 3.37 0.85 14.71
C SER D 100 3.97 2.26 14.55
N THR D 101 5.19 2.44 15.03
CA THR D 101 5.91 3.73 14.94
C THR D 101 6.08 4.10 13.46
N ARG D 102 6.35 3.14 12.58
CA ARG D 102 6.49 3.45 11.13
C ARG D 102 5.18 4.07 10.61
N GLU D 103 4.05 3.46 10.91
CA GLU D 103 2.72 3.95 10.46
C GLU D 103 2.49 5.36 11.01
N ALA D 104 2.74 5.56 12.30
CA ALA D 104 2.53 6.88 12.97
C ALA D 104 3.41 7.94 12.30
N ILE D 105 4.69 7.65 12.04
CA ILE D 105 5.62 8.64 11.42
C ILE D 105 5.09 9.04 10.03
N HIS D 106 4.82 8.07 9.16
CA HIS D 106 4.41 8.35 7.75
C HIS D 106 3.05 9.06 7.76
N ALA D 107 2.08 8.57 8.51
CA ALA D 107 0.72 9.15 8.48
C ALA D 107 0.80 10.58 9.02
N THR D 108 1.55 10.80 10.09
CA THR D 108 1.59 12.13 10.76
C THR D 108 2.30 13.12 9.81
N GLU D 109 3.44 12.76 9.23
CA GLU D 109 4.17 13.74 8.39
C GLU D 109 3.30 14.06 7.16
N GLN D 110 2.59 13.07 6.62
CA GLN D 110 1.71 13.27 5.45
C GLN D 110 0.53 14.17 5.84
N GLY D 111 -0.10 13.91 6.99
CA GLY D 111 -1.23 14.74 7.47
C GLY D 111 -0.83 16.19 7.67
N PHE D 112 0.32 16.46 8.29
CA PHE D 112 0.81 17.83 8.50
C PHE D 112 1.19 18.47 7.17
N ALA D 113 1.79 17.72 6.23
CA ALA D 113 2.19 18.28 4.91
C ALA D 113 0.94 18.76 4.17
N MET D 114 -0.20 18.14 4.44
CA MET D 114 -1.47 18.43 3.73
CA MET D 114 -1.53 18.36 3.81
C MET D 114 -2.30 19.47 4.52
N GLY D 115 -1.76 19.99 5.62
CA GLY D 115 -2.31 21.17 6.32
C GLY D 115 -3.19 20.85 7.51
N MET D 116 -3.15 19.64 8.07
CA MET D 116 -3.95 19.40 9.29
C MET D 116 -3.36 20.25 10.40
N HIS D 117 -4.20 20.73 11.30
CA HIS D 117 -3.82 21.67 12.39
C HIS D 117 -3.18 20.93 13.56
N GLY D 118 -3.53 19.67 13.77
CA GLY D 118 -3.00 18.87 14.89
C GLY D 118 -3.11 17.40 14.64
N ALA D 119 -2.44 16.61 15.48
CA ALA D 119 -2.44 15.13 15.43
C ALA D 119 -2.88 14.60 16.78
N LEU D 120 -3.69 13.55 16.76
CA LEU D 120 -4.07 12.76 17.97
C LEU D 120 -3.23 11.50 17.95
N HIS D 121 -2.46 11.27 19.02
CA HIS D 121 -1.54 10.12 19.18
C HIS D 121 -1.85 9.33 20.45
N ILE D 122 -2.38 8.13 20.22
CA ILE D 122 -2.56 7.06 21.24
C ILE D 122 -1.21 6.39 21.52
N ASN D 123 -1.04 5.83 22.71
CA ASN D 123 0.11 4.91 22.99
C ASN D 123 -0.15 3.59 22.26
N PRO D 124 0.89 2.83 21.90
CA PRO D 124 0.68 1.58 21.18
C PRO D 124 -0.25 0.61 21.93
N TYR D 125 -1.33 0.22 21.25
CA TYR D 125 -2.37 -0.77 21.65
C TYR D 125 -1.98 -2.14 21.09
N TYR D 126 -2.36 -3.20 21.80
CA TYR D 126 -2.21 -4.64 21.43
C TYR D 126 -0.73 -5.01 21.56
N GLY D 127 0.14 -4.41 20.75
CA GLY D 127 1.60 -4.48 20.90
C GLY D 127 2.08 -3.46 21.92
N LYS D 128 1.72 -3.63 23.18
CA LYS D 128 2.10 -2.64 24.23
C LYS D 128 3.62 -2.69 24.43
N THR D 129 4.20 -1.56 24.79
CA THR D 129 5.66 -1.41 24.97
C THR D 129 5.94 -0.94 26.40
N SER D 130 7.23 -0.81 26.72
CA SER D 130 7.73 -0.26 28.01
C SER D 130 7.47 1.25 28.09
N ILE D 131 7.66 1.85 29.26
CA ILE D 131 7.68 3.34 29.40
C ILE D 131 8.72 3.93 28.43
N GLU D 132 9.94 3.39 28.40
CA GLU D 132 11.02 3.91 27.52
CA GLU D 132 11.01 3.91 27.53
C GLU D 132 10.58 3.78 26.06
N GLY D 133 9.94 2.67 25.70
CA GLY D 133 9.42 2.47 24.34
C GLY D 133 8.31 3.46 23.99
N MET D 134 7.41 3.73 24.92
CA MET D 134 6.30 4.69 24.71
C MET D 134 6.88 6.08 24.41
N ASN D 135 7.84 6.53 25.23
CA ASN D 135 8.53 7.82 25.03
C ASN D 135 9.18 7.83 23.64
N ALA D 136 9.90 6.77 23.27
CA ALA D 136 10.61 6.71 21.97
C ALA D 136 9.59 6.84 20.83
N HIS D 137 8.46 6.13 20.92
CA HIS D 137 7.34 6.20 19.95
C HIS D 137 6.87 7.66 19.79
N PHE D 138 6.50 8.30 20.91
CA PHE D 138 5.93 9.66 20.86
C PHE D 138 6.98 10.67 20.35
N GLN D 139 8.27 10.48 20.64
CA GLN D 139 9.31 11.46 20.24
C GLN D 139 9.46 11.46 18.71
N THR D 140 9.13 10.38 18.02
CA THR D 140 9.25 10.31 16.54
C THR D 140 8.21 11.21 15.87
N VAL D 141 7.09 11.57 16.55
CA VAL D 141 5.98 12.33 15.92
C VAL D 141 5.77 13.70 16.57
N LEU D 142 6.18 13.88 17.82
CA LEU D 142 5.83 15.10 18.59
C LEU D 142 6.44 16.36 17.93
N HIS D 143 7.62 16.27 17.33
CA HIS D 143 8.34 17.39 16.67
C HIS D 143 7.60 17.84 15.39
N MET D 144 6.66 17.05 14.87
CA MET D 144 6.06 17.29 13.53
C MET D 144 4.98 18.36 13.58
N GLY D 145 4.37 18.60 14.73
CA GLY D 145 3.34 19.66 14.87
C GLY D 145 2.53 19.46 16.14
N PRO D 146 1.52 20.32 16.36
CA PRO D 146 0.69 20.27 17.55
C PRO D 146 0.08 18.89 17.76
N THR D 147 0.27 18.32 18.95
CA THR D 147 -0.05 16.90 19.25
C THR D 147 -0.92 16.83 20.50
N ILE D 148 -1.99 16.06 20.41
CA ILE D 148 -2.84 15.67 21.57
C ILE D 148 -2.49 14.21 21.87
N ILE D 149 -2.01 13.95 23.08
CA ILE D 149 -1.69 12.57 23.55
C ILE D 149 -2.97 11.94 24.09
N TYR D 150 -3.31 10.75 23.63
CA TYR D 150 -4.60 10.07 23.89
C TYR D 150 -4.38 8.94 24.89
N ASN D 151 -4.87 9.08 26.11
CA ASN D 151 -4.80 8.03 27.16
C ASN D 151 -6.18 7.41 27.34
N VAL D 152 -6.34 6.18 26.88
CA VAL D 152 -7.62 5.42 26.96
C VAL D 152 -7.30 3.99 27.36
N PRO D 153 -6.89 3.75 28.61
CA PRO D 153 -6.46 2.42 29.07
C PRO D 153 -7.52 1.32 28.92
N GLY D 154 -8.81 1.66 28.97
CA GLY D 154 -9.95 0.78 28.63
C GLY D 154 -9.85 0.17 27.22
N ARG D 155 -9.14 0.81 26.28
CA ARG D 155 -9.01 0.29 24.89
CA ARG D 155 -9.01 0.30 24.89
C ARG D 155 -7.57 -0.16 24.63
N THR D 156 -6.58 0.54 25.20
CA THR D 156 -5.15 0.19 24.97
C THR D 156 -4.68 -0.90 25.94
N CYS D 157 -5.35 -1.04 27.08
CA CYS D 157 -4.94 -1.91 28.21
C CYS D 157 -3.56 -1.50 28.72
N GLN D 158 -3.25 -0.20 28.62
CA GLN D 158 -2.01 0.37 29.18
C GLN D 158 -2.21 1.85 29.48
N ASP D 159 -2.15 2.19 30.77
CA ASP D 159 -2.19 3.58 31.27
C ASP D 159 -0.91 4.28 30.82
N ILE D 160 -1.05 5.45 30.19
CA ILE D 160 0.08 6.40 29.97
C ILE D 160 0.28 7.08 31.31
N PRO D 161 1.40 6.78 32.01
CA PRO D 161 1.60 7.33 33.34
C PRO D 161 1.97 8.81 33.29
N PRO D 162 1.71 9.53 34.40
CA PRO D 162 2.08 10.94 34.53
C PRO D 162 3.53 11.23 34.16
N GLN D 163 4.50 10.39 34.53
CA GLN D 163 5.93 10.69 34.24
C GLN D 163 6.10 10.83 32.70
N VAL D 164 5.36 10.08 31.89
CA VAL D 164 5.45 10.16 30.40
C VAL D 164 4.88 11.51 29.96
N ILE D 165 3.68 11.86 30.42
CA ILE D 165 3.02 13.17 30.08
C ILE D 165 3.90 14.33 30.54
N PHE D 166 4.48 14.29 31.74
CA PHE D 166 5.34 15.40 32.23
C PHE D 166 6.53 15.59 31.29
N LYS D 167 7.17 14.49 30.87
CA LYS D 167 8.32 14.53 29.95
C LYS D 167 7.89 15.12 28.58
N LEU D 168 6.78 14.62 28.00
CA LEU D 168 6.31 15.10 26.67
C LEU D 168 5.96 16.58 26.75
N SER D 169 5.46 17.05 27.90
CA SER D 169 5.03 18.45 28.09
C SER D 169 6.25 19.40 28.07
N GLN D 170 7.49 18.90 28.14
CA GLN D 170 8.70 19.72 27.92
C GLN D 170 8.74 20.21 26.46
N ASN D 171 8.05 19.54 25.53
CA ASN D 171 8.08 19.88 24.09
C ASN D 171 6.97 20.89 23.78
N PRO D 172 7.27 22.02 23.11
CA PRO D 172 6.26 23.03 22.81
C PRO D 172 5.14 22.56 21.86
N ASN D 173 5.34 21.44 21.16
CA ASN D 173 4.31 20.84 20.27
C ASN D 173 3.31 19.99 21.09
N MET D 174 3.50 19.73 22.38
CA MET D 174 2.52 18.89 23.09
C MET D 174 1.38 19.81 23.53
N ALA D 175 0.30 19.78 22.77
CA ALA D 175 -0.87 20.66 22.97
C ALA D 175 -1.51 20.30 24.31
N GLY D 176 -1.73 19.01 24.57
CA GLY D 176 -2.46 18.55 25.76
C GLY D 176 -2.78 17.07 25.69
N VAL D 177 -3.68 16.64 26.55
CA VAL D 177 -4.00 15.21 26.76
C VAL D 177 -5.50 15.03 26.55
N LYS D 178 -5.86 14.03 25.75
CA LYS D 178 -7.23 13.48 25.76
C LYS D 178 -7.23 12.39 26.84
N GLU D 179 -7.80 12.67 28.00
CA GLU D 179 -7.68 11.80 29.19
C GLU D 179 -9.00 11.08 29.46
N CYS D 180 -8.96 9.75 29.63
CA CYS D 180 -10.16 8.92 29.95
C CYS D 180 -10.05 8.26 31.35
N VAL D 181 -8.94 8.38 32.07
CA VAL D 181 -8.78 7.67 33.38
C VAL D 181 -9.77 8.24 34.41
N GLY D 182 -10.11 9.52 34.33
CA GLY D 182 -11.06 10.16 35.27
C GLY D 182 -10.53 11.47 35.82
N ASN D 183 -11.35 12.12 36.64
CA ASN D 183 -11.16 13.53 37.08
C ASN D 183 -9.93 13.67 37.98
N ASN D 184 -9.53 12.64 38.74
CA ASN D 184 -8.30 12.71 39.58
C ASN D 184 -7.08 12.84 38.68
N ARG D 185 -7.01 12.07 37.59
CA ARG D 185 -5.88 12.15 36.64
C ARG D 185 -5.92 13.49 35.90
N VAL D 186 -7.11 13.91 35.45
CA VAL D 186 -7.32 15.23 34.79
C VAL D 186 -6.68 16.32 35.66
N GLU D 187 -7.00 16.34 36.96
CA GLU D 187 -6.54 17.39 37.89
C GLU D 187 -5.02 17.32 38.10
N GLU D 188 -4.41 16.14 38.06
CA GLU D 188 -2.94 15.99 38.21
C GLU D 188 -2.22 16.73 37.06
N TYR D 189 -2.84 16.83 35.89
CA TYR D 189 -2.29 17.58 34.75
C TYR D 189 -2.71 19.05 34.81
N THR D 190 -3.99 19.34 35.04
CA THR D 190 -4.49 20.74 34.91
C THR D 190 -3.91 21.58 36.04
N GLU D 191 -3.66 20.98 37.22
CA GLU D 191 -3.09 21.74 38.36
C GLU D 191 -1.70 22.25 37.99
N LYS D 192 -1.02 21.59 37.04
CA LYS D 192 0.35 21.98 36.60
C LYS D 192 0.32 22.82 35.32
N GLY D 193 -0.86 23.13 34.78
CA GLY D 193 -1.05 23.98 33.59
C GLY D 193 -0.95 23.19 32.29
N ILE D 194 -1.01 21.86 32.36
CA ILE D 194 -1.09 21.00 31.14
C ILE D 194 -2.56 21.01 30.70
N VAL D 195 -2.80 21.18 29.40
CA VAL D 195 -4.19 21.25 28.86
C VAL D 195 -4.75 19.82 28.80
N VAL D 196 -5.98 19.66 29.27
CA VAL D 196 -6.69 18.37 29.24
C VAL D 196 -8.07 18.56 28.62
N TRP D 197 -8.39 17.67 27.68
CA TRP D 197 -9.77 17.43 27.19
C TRP D 197 -10.23 16.12 27.81
N SER D 198 -11.40 16.11 28.42
CA SER D 198 -12.02 14.83 28.85
C SER D 198 -12.36 14.02 27.61
N GLY D 199 -12.08 12.73 27.65
CA GLY D 199 -12.50 11.76 26.63
C GLY D 199 -13.78 11.05 27.03
N ASN D 200 -14.37 11.41 28.18
CA ASN D 200 -15.55 10.72 28.78
C ASN D 200 -16.73 11.70 28.80
N ASP D 201 -17.65 11.56 27.86
CA ASP D 201 -18.81 12.49 27.74
C ASP D 201 -19.54 12.59 29.09
N ASP D 202 -19.72 11.47 29.80
CA ASP D 202 -20.52 11.46 31.06
C ASP D 202 -19.71 12.04 32.23
N GLN D 203 -18.44 12.40 32.03
CA GLN D 203 -17.62 13.07 33.08
C GLN D 203 -17.27 14.51 32.65
N CYS D 204 -17.50 14.90 31.40
CA CYS D 204 -16.84 16.11 30.86
C CYS D 204 -17.39 17.39 31.50
N HIS D 205 -18.66 17.38 31.93
CA HIS D 205 -19.26 18.56 32.61
C HIS D 205 -18.47 18.87 33.89
N ASP D 206 -18.39 17.92 34.80
CA ASP D 206 -17.67 18.08 36.09
C ASP D 206 -16.18 18.30 35.80
N SER D 207 -15.61 17.62 34.82
CA SER D 207 -14.17 17.78 34.44
C SER D 207 -13.90 19.25 34.07
N ARG D 208 -14.78 19.85 33.27
CA ARG D 208 -14.69 21.22 32.72
C ARG D 208 -14.79 22.25 33.85
N TRP D 209 -15.78 22.12 34.74
CA TRP D 209 -16.14 23.18 35.72
C TRP D 209 -15.44 22.97 37.07
N ASP D 210 -15.08 21.74 37.44
CA ASP D 210 -14.58 21.40 38.79
C ASP D 210 -13.13 20.89 38.77
N HIS D 211 -12.57 20.45 37.64
CA HIS D 211 -11.22 19.81 37.60
C HIS D 211 -10.29 20.46 36.56
N GLY D 212 -10.67 21.61 36.00
CA GLY D 212 -9.79 22.44 35.17
C GLY D 212 -9.62 21.95 33.74
N ALA D 213 -10.44 21.00 33.29
CA ALA D 213 -10.35 20.55 31.87
C ALA D 213 -10.77 21.72 30.97
N THR D 214 -10.12 21.85 29.82
CA THR D 214 -10.41 22.94 28.84
C THR D 214 -11.74 22.64 28.13
N GLY D 215 -12.04 21.37 27.91
CA GLY D 215 -13.25 20.94 27.20
C GLY D 215 -13.28 19.43 27.01
N VAL D 216 -13.83 19.01 25.87
CA VAL D 216 -14.20 17.60 25.62
C VAL D 216 -13.84 17.27 24.18
N ILE D 217 -13.32 16.07 23.97
CA ILE D 217 -13.27 15.43 22.63
C ILE D 217 -14.38 14.38 22.67
N SER D 218 -15.49 14.71 22.01
CA SER D 218 -16.87 14.20 22.29
C SER D 218 -17.37 13.25 21.21
N VAL D 219 -18.06 12.20 21.63
CA VAL D 219 -18.91 11.31 20.79
C VAL D 219 -20.31 11.93 20.70
N THR D 220 -20.84 12.35 21.85
CA THR D 220 -22.25 12.82 22.02
C THR D 220 -22.50 14.07 21.17
N SER D 221 -21.47 14.89 20.92
CA SER D 221 -21.58 16.10 20.06
C SER D 221 -21.96 15.71 18.62
N ASN D 222 -21.74 14.45 18.20
CA ASN D 222 -22.21 13.94 16.88
C ASN D 222 -23.75 14.04 16.81
N LEU D 223 -24.44 13.93 17.95
CA LEU D 223 -25.92 13.89 18.04
C LEU D 223 -26.47 15.25 18.47
N VAL D 224 -25.91 15.86 19.51
CA VAL D 224 -26.45 17.11 20.13
C VAL D 224 -25.32 18.14 20.27
N PRO D 225 -24.75 18.62 19.15
CA PRO D 225 -23.59 19.52 19.19
C PRO D 225 -23.87 20.81 19.96
N GLY D 226 -25.07 21.38 19.78
CA GLY D 226 -25.48 22.62 20.46
C GLY D 226 -25.49 22.46 21.97
N LEU D 227 -26.03 21.35 22.47
CA LEU D 227 -26.14 21.08 23.93
C LEU D 227 -24.73 20.86 24.50
N MET D 228 -23.86 20.13 23.80
CA MET D 228 -22.46 19.95 24.26
C MET D 228 -21.74 21.30 24.27
N ARG D 229 -21.95 22.17 23.26
CA ARG D 229 -21.31 23.50 23.27
C ARG D 229 -21.78 24.28 24.50
N LYS D 230 -23.07 24.22 24.80
CA LYS D 230 -23.65 24.93 25.97
C LYS D 230 -23.00 24.41 27.26
N LEU D 231 -22.87 23.08 27.40
CA LEU D 231 -22.22 22.43 28.56
C LEU D 231 -20.78 22.95 28.75
N MET D 232 -20.04 23.23 27.67
CA MET D 232 -18.60 23.57 27.77
C MET D 232 -18.38 25.09 27.89
N PHE D 233 -19.39 25.93 27.65
CA PHE D 233 -19.19 27.41 27.59
C PHE D 233 -20.01 28.21 28.62
N GLU D 234 -21.22 27.78 28.97
CA GLU D 234 -22.22 28.64 29.67
C GLU D 234 -22.30 28.28 31.16
N GLY D 235 -21.23 27.73 31.73
CA GLY D 235 -21.10 27.51 33.18
C GLY D 235 -21.75 26.21 33.62
N ARG D 236 -21.71 25.94 34.92
CA ARG D 236 -22.27 24.69 35.49
C ARG D 236 -23.75 24.66 35.16
N ASN D 237 -24.22 23.52 34.66
CA ASN D 237 -25.65 23.23 34.41
C ASN D 237 -25.87 21.74 34.70
N SER D 238 -25.98 21.40 35.99
CA SER D 238 -26.18 20.00 36.45
CA SER D 238 -26.21 20.01 36.49
C SER D 238 -27.50 19.44 35.88
N ALA D 239 -28.51 20.30 35.70
CA ALA D 239 -29.82 19.94 35.12
C ALA D 239 -29.63 19.45 33.68
N LEU D 240 -28.96 20.23 32.85
CA LEU D 240 -28.72 19.86 31.42
C LEU D 240 -27.85 18.60 31.38
N ASN D 241 -26.83 18.52 32.24
CA ASN D 241 -25.91 17.36 32.30
C ASN D 241 -26.71 16.08 32.64
N ALA D 242 -27.63 16.18 33.61
CA ALA D 242 -28.53 15.07 34.05
C ALA D 242 -29.50 14.69 32.92
N LYS D 243 -29.99 15.68 32.17
CA LYS D 243 -30.94 15.49 31.05
C LYS D 243 -30.26 14.67 29.94
N LEU D 244 -28.94 14.80 29.79
CA LEU D 244 -28.15 14.10 28.74
C LEU D 244 -27.71 12.70 29.19
N LEU D 245 -27.74 12.39 30.49
CA LEU D 245 -27.10 11.15 31.00
C LEU D 245 -27.76 9.92 30.37
N PRO D 246 -29.11 9.81 30.25
CA PRO D 246 -29.72 8.63 29.63
C PRO D 246 -29.23 8.42 28.19
N LEU D 247 -29.10 9.51 27.42
CA LEU D 247 -28.59 9.46 26.03
C LEU D 247 -27.15 8.94 26.04
N MET D 248 -26.30 9.48 26.92
CA MET D 248 -24.89 9.04 27.01
C MET D 248 -24.84 7.56 27.43
N ASP D 249 -25.72 7.12 28.34
CA ASP D 249 -25.76 5.70 28.79
C ASP D 249 -26.11 4.80 27.60
N TRP D 250 -27.07 5.23 26.80
CA TRP D 250 -27.51 4.49 25.60
C TRP D 250 -26.36 4.41 24.57
N LEU D 251 -25.60 5.49 24.39
CA LEU D 251 -24.51 5.58 23.38
C LEU D 251 -23.35 4.65 23.73
N PHE D 252 -23.16 4.29 25.01
CA PHE D 252 -21.99 3.47 25.43
C PHE D 252 -22.43 2.11 26.01
N GLN D 253 -23.68 1.66 25.80
CA GLN D 253 -24.14 0.34 26.32
C GLN D 253 -23.40 -0.79 25.59
N GLU D 254 -23.12 -0.64 24.29
CA GLU D 254 -22.08 -1.43 23.57
C GLU D 254 -20.91 -0.51 23.26
N PRO D 255 -19.73 -1.04 22.89
CA PRO D 255 -18.59 -0.18 22.55
C PRO D 255 -18.88 0.82 21.43
N ASN D 256 -18.58 2.08 21.70
CA ASN D 256 -18.46 3.17 20.68
C ASN D 256 -17.60 2.66 19.54
N PRO D 257 -17.97 2.85 18.25
CA PRO D 257 -19.11 3.67 17.82
C PRO D 257 -20.42 2.94 17.46
N ILE D 258 -20.71 1.80 18.09
CA ILE D 258 -21.96 1.04 17.77
C ILE D 258 -23.17 1.96 18.00
N GLY D 259 -23.24 2.62 19.16
CA GLY D 259 -24.35 3.54 19.50
C GLY D 259 -24.47 4.69 18.51
N VAL D 260 -23.41 5.48 18.32
CA VAL D 260 -23.49 6.69 17.44
C VAL D 260 -23.81 6.25 16.00
N ASN D 261 -23.27 5.13 15.52
CA ASN D 261 -23.58 4.61 14.16
C ASN D 261 -25.09 4.32 14.04
N THR D 262 -25.67 3.65 15.04
CA THR D 262 -27.12 3.31 15.08
C THR D 262 -27.94 4.60 15.14
N ALA D 263 -27.59 5.55 16.01
CA ALA D 263 -28.33 6.81 16.23
C ALA D 263 -28.35 7.68 14.97
N LEU D 264 -27.21 7.85 14.30
CA LEU D 264 -27.11 8.72 13.09
C LEU D 264 -27.93 8.10 11.94
N ALA D 265 -28.00 6.76 11.85
CA ALA D 265 -28.90 6.08 10.88
C ALA D 265 -30.36 6.41 11.23
N GLN D 266 -30.73 6.36 12.51
CA GLN D 266 -32.12 6.61 12.99
C GLN D 266 -32.49 8.07 12.73
N LEU D 267 -31.53 9.00 12.83
CA LEU D 267 -31.81 10.45 12.62
C LEU D 267 -31.78 10.77 11.12
N GLY D 268 -31.40 9.82 10.27
CA GLY D 268 -31.39 9.96 8.80
C GLY D 268 -30.25 10.79 8.25
N VAL D 269 -29.14 10.99 8.99
CA VAL D 269 -27.97 11.80 8.52
C VAL D 269 -26.81 10.90 8.06
N ALA D 270 -26.90 9.60 8.30
CA ALA D 270 -25.96 8.59 7.75
C ALA D 270 -26.76 7.38 7.29
N ARG D 271 -26.29 6.68 6.26
CA ARG D 271 -26.92 5.42 5.83
C ARG D 271 -26.73 4.35 6.90
N PRO D 272 -27.69 3.40 6.98
CA PRO D 272 -27.61 2.27 7.91
C PRO D 272 -26.60 1.22 7.41
N VAL D 273 -25.35 1.65 7.24
CA VAL D 273 -24.26 0.79 6.68
C VAL D 273 -23.16 0.72 7.74
N PHE D 274 -22.76 -0.49 8.10
CA PHE D 274 -21.72 -0.76 9.12
C PHE D 274 -20.57 -1.50 8.46
N ARG D 275 -19.35 -1.08 8.73
CA ARG D 275 -18.14 -1.90 8.49
C ARG D 275 -17.96 -2.85 9.68
N LEU D 276 -17.85 -4.15 9.41
CA LEU D 276 -17.51 -5.13 10.47
C LEU D 276 -16.16 -4.74 11.05
N PRO D 277 -15.90 -4.95 12.36
CA PRO D 277 -16.71 -5.82 13.21
C PRO D 277 -17.86 -5.17 13.99
N TYR D 278 -18.32 -3.98 13.57
CA TYR D 278 -19.43 -3.28 14.27
C TYR D 278 -20.75 -3.75 13.66
N VAL D 279 -21.75 -3.94 14.52
CA VAL D 279 -23.16 -4.23 14.11
C VAL D 279 -24.07 -3.36 14.95
N PRO D 280 -25.25 -2.98 14.40
CA PRO D 280 -26.14 -2.05 15.08
C PRO D 280 -26.72 -2.58 16.40
N LEU D 281 -27.10 -1.67 17.29
CA LEU D 281 -27.93 -2.00 18.47
C LEU D 281 -29.24 -2.62 17.98
N PRO D 282 -29.77 -3.63 18.69
CA PRO D 282 -31.00 -4.31 18.26
C PRO D 282 -32.28 -3.46 18.38
N LEU D 283 -33.39 -4.01 17.86
CA LEU D 283 -34.69 -3.32 17.69
C LEU D 283 -35.09 -2.62 18.99
N SER D 284 -35.03 -3.31 20.13
CA SER D 284 -35.51 -2.79 21.44
C SER D 284 -34.74 -1.53 21.83
N LYS D 285 -33.44 -1.48 21.51
CA LYS D 285 -32.58 -0.30 21.78
C LYS D 285 -32.94 0.85 20.83
N ARG D 286 -33.26 0.56 19.57
CA ARG D 286 -33.64 1.61 18.59
C ARG D 286 -35.00 2.20 18.97
N ILE D 287 -35.89 1.37 19.53
CA ILE D 287 -37.19 1.86 20.10
C ILE D 287 -36.87 2.78 21.28
N GLU D 288 -35.97 2.40 22.18
CA GLU D 288 -35.50 3.23 23.33
C GLU D 288 -34.95 4.58 22.85
N PHE D 289 -34.23 4.60 21.71
CA PHE D 289 -33.61 5.82 21.15
C PHE D 289 -34.71 6.82 20.77
N VAL D 290 -35.72 6.36 20.06
CA VAL D 290 -36.83 7.25 19.60
C VAL D 290 -37.43 7.95 20.82
N LYS D 291 -37.58 7.22 21.92
CA LYS D 291 -38.11 7.71 23.23
C LYS D 291 -37.13 8.75 23.82
N LEU D 292 -35.81 8.49 23.78
CA LEU D 292 -34.79 9.46 24.28
C LEU D 292 -34.87 10.76 23.48
N VAL D 293 -35.03 10.68 22.16
CA VAL D 293 -35.09 11.88 21.26
C VAL D 293 -36.34 12.70 21.60
N LYS D 294 -37.45 12.04 21.91
CA LYS D 294 -38.74 12.69 22.26
C LYS D 294 -38.59 13.45 23.57
N GLU D 295 -38.03 12.83 24.60
CA GLU D 295 -37.79 13.42 25.95
C GLU D 295 -36.88 14.66 25.83
N ILE D 296 -35.82 14.59 25.04
CA ILE D 296 -34.85 15.73 24.92
C ILE D 296 -35.41 16.77 23.94
N GLY D 297 -36.03 16.33 22.84
CA GLY D 297 -36.52 17.20 21.76
C GLY D 297 -35.72 17.02 20.49
N ARG D 298 -36.39 16.60 19.41
CA ARG D 298 -35.79 16.29 18.09
C ARG D 298 -35.00 17.51 17.59
N GLU D 299 -35.46 18.72 17.89
CA GLU D 299 -34.82 19.98 17.38
C GLU D 299 -33.36 20.07 17.86
N HIS D 300 -32.96 19.38 18.93
CA HIS D 300 -31.58 19.41 19.50
C HIS D 300 -30.66 18.42 18.78
N PHE D 301 -31.23 17.43 18.10
CA PHE D 301 -30.48 16.38 17.38
C PHE D 301 -30.19 16.83 15.96
N VAL D 302 -29.07 16.39 15.40
CA VAL D 302 -28.67 16.70 14.00
C VAL D 302 -29.74 16.14 13.05
N GLY D 303 -29.86 16.77 11.88
CA GLY D 303 -30.78 16.36 10.81
C GLY D 303 -32.15 17.00 10.97
N ASP D 304 -32.95 16.95 9.89
CA ASP D 304 -34.31 17.53 9.78
C ASP D 304 -35.36 16.42 9.76
N ARG D 305 -35.00 15.19 9.41
CA ARG D 305 -35.98 14.09 9.20
C ARG D 305 -36.46 13.54 10.54
N ASP D 306 -37.73 13.12 10.61
CA ASP D 306 -38.30 12.46 11.80
C ASP D 306 -37.45 11.24 12.15
N VAL D 307 -37.18 11.05 13.43
CA VAL D 307 -36.38 9.87 13.91
C VAL D 307 -37.15 8.60 13.54
N GLN D 308 -36.45 7.61 13.02
CA GLN D 308 -37.03 6.32 12.59
C GLN D 308 -36.47 5.23 13.50
N VAL D 309 -37.29 4.22 13.81
CA VAL D 309 -36.84 3.01 14.54
C VAL D 309 -35.87 2.22 13.64
N LEU D 310 -36.24 2.07 12.36
CA LEU D 310 -35.58 1.25 11.31
C LEU D 310 -35.79 -0.25 11.60
N ASP D 311 -35.98 -1.02 10.52
CA ASP D 311 -36.10 -2.50 10.56
C ASP D 311 -34.71 -3.13 10.53
N ASP D 312 -34.57 -4.31 11.13
CA ASP D 312 -33.32 -5.11 11.12
C ASP D 312 -32.76 -5.18 9.69
N ASP D 313 -33.60 -5.39 8.67
CA ASP D 313 -33.15 -5.63 7.28
C ASP D 313 -32.85 -4.30 6.55
N ASP D 314 -33.06 -3.13 7.17
CA ASP D 314 -32.57 -1.84 6.63
C ASP D 314 -31.04 -1.75 6.77
N PHE D 315 -30.43 -2.50 7.67
CA PHE D 315 -28.97 -2.40 7.98
C PHE D 315 -28.17 -3.29 7.03
N ILE D 316 -27.06 -2.76 6.52
CA ILE D 316 -26.10 -3.47 5.63
C ILE D 316 -24.79 -3.63 6.41
N LEU D 317 -24.26 -4.85 6.48
CA LEU D 317 -22.96 -5.14 7.15
C LEU D 317 -21.94 -5.47 6.07
N ILE D 318 -20.81 -4.77 6.05
CA ILE D 318 -19.76 -4.92 5.01
C ILE D 318 -18.53 -5.56 5.66
N GLY D 319 -18.07 -6.69 5.09
CA GLY D 319 -16.80 -7.35 5.42
C GLY D 319 -15.68 -6.93 4.47
N ARG D 320 -15.91 -7.01 3.16
CA ARG D 320 -14.93 -6.60 2.12
C ARG D 320 -15.17 -5.14 1.69
N TYR D 321 -14.85 -4.18 2.57
CA TYR D 321 -14.92 -2.69 2.34
C TYR D 321 -13.56 -2.20 1.82
N LYS E . 0.74 -0.14 -13.03
CA LYS E . 2.12 -0.01 -12.48
C LYS E . 3.14 -0.39 -13.58
O LYS E . 4.35 -0.13 -13.41
CB LYS E . 2.31 -0.87 -11.23
CG LYS E . 2.28 -2.40 -11.39
CD LYS E . 2.90 -3.04 -10.16
CE LYS E . 2.67 -4.54 -10.01
NZ LYS E . 3.37 -5.29 -11.05
OXT LYS E . 2.73 -0.96 -14.62
NA NA F . 5.99 -12.22 -20.26
C1 GOL G . -4.00 6.31 -4.60
O1 GOL G . -3.94 6.63 -3.21
C2 GOL G . -3.92 4.82 -4.82
O2 GOL G . -4.96 4.17 -4.09
C3 GOL G . -3.99 4.43 -6.29
O3 GOL G . -3.83 3.03 -6.47
N LYS H . 5.98 3.12 -11.28
CA LYS H . 4.52 2.90 -11.46
C LYS H . 4.09 3.57 -12.77
O LYS H . 4.86 4.35 -13.38
CB LYS H . 3.74 3.41 -10.23
CG LYS H . 3.73 4.92 -9.98
CD LYS H . 2.61 5.29 -9.01
CE LYS H . 2.65 6.72 -8.50
NZ LYS H . 2.43 7.73 -9.57
OXT LYS H . 2.95 3.27 -13.21
NA NA I . 3.89 16.70 -17.00
N LYS J . -0.34 -2.11 13.01
CA LYS J . -1.62 -2.61 12.44
C LYS J . -2.28 -3.55 13.45
O LYS J . -1.64 -3.98 14.45
CB LYS J . -1.38 -3.29 11.09
CG LYS J . -0.62 -4.63 11.12
CD LYS J . -0.90 -5.45 9.89
CE LYS J . 0.06 -6.59 9.65
NZ LYS J . -0.20 -7.72 10.56
OXT LYS J . -3.47 -3.87 13.24
NA NA K . 1.33 -15.87 18.85
N1 EPE L . -0.19 12.03 43.48
C2 EPE L . 0.68 11.37 42.49
C3 EPE L . -0.15 10.47 41.59
N4 EPE L . -0.95 9.52 42.35
C5 EPE L . -1.82 10.22 43.31
C6 EPE L . -0.96 11.03 44.25
C7 EPE L . -1.75 8.77 41.38
C8 EPE L . -0.99 8.81 40.06
O8 EPE L . -1.87 9.17 39.00
C9 EPE L . 0.60 12.90 44.38
C10 EPE L . 0.33 14.34 43.96
S EPE L . 1.09 15.42 44.97
O1S EPE L . 2.38 14.81 45.34
O2S EPE L . 1.38 16.70 44.31
O3S EPE L . 0.17 15.70 46.11
C1 GOL M . 0.28 6.60 5.43
O1 GOL M . 0.03 7.00 4.08
C2 GOL M . 0.94 5.24 5.47
O2 GOL M . 2.18 5.32 4.76
C3 GOL M . 1.18 4.74 6.87
O3 GOL M . 1.90 3.51 6.88
C1 GOL N . 8.04 11.55 1.53
O1 GOL N . 9.12 11.10 0.71
C2 GOL N . 7.56 10.48 2.50
O2 GOL N . 8.61 10.17 3.42
C3 GOL N . 6.30 10.86 3.26
O3 GOL N . 5.90 9.86 4.20
N LYS O . -6.52 -1.70 11.68
CA LYS O . -5.13 -1.18 11.87
C LYS O . -5.02 -0.53 13.25
O LYS O . -3.90 -0.25 13.72
CB LYS O . -4.72 -0.21 10.75
CG LYS O . -5.48 1.11 10.65
CD LYS O . -4.79 2.10 9.71
CE LYS O . -5.61 3.32 9.36
NZ LYS O . -5.83 4.20 10.54
OXT LYS O . -6.05 -0.29 13.90
NA NA P . -11.05 10.50 19.03
#